data_3A58
#
_entry.id   3A58
#
_cell.length_a   116.000
_cell.length_b   116.054
_cell.length_c   247.675
_cell.angle_alpha   90.00
_cell.angle_beta   90.00
_cell.angle_gamma   90.00
#
_symmetry.space_group_name_H-M   'P 41 21 2'
#
loop_
_entity.id
_entity.type
_entity.pdbx_description
1 polymer 'Exocyst complex component SEC3'
2 polymer 'GTP-binding protein RHO1'
3 non-polymer 'PHOSPHATE ION'
4 non-polymer 'PHOSPHOAMINOPHOSPHONIC ACID-GUANYLATE ESTER'
5 non-polymer 'MAGNESIUM ION'
6 water water
#
loop_
_entity_poly.entity_id
_entity_poly.type
_entity_poly.pdbx_seq_one_letter_code
_entity_poly.pdbx_strand_id
1 'polypeptide(L)'
;(MSE)RSSKSPFKRKSHSRETSHDENTSFFHKRTISGSSAHHSRNVSQGAVPSSAPPVSGGNYSHKRNVSRASNSSQTSN
FLAEQYERDRKAIINCCFSRPDHKTGEPPNNYITHVRIIEDSKFPSSRPPPDSKLENKKKRLLILSAKPNNAKLIQIHKA
RENSDGSFQIGRTWQLTELVRVEKDLEISEGFILT(MSE)SKKYYWETNSAKERTVFIKSLITLYIQTFEGHVPELVNWD
LSLFYLDERSYQRAVITNRPGSVSPIKSPTSNFTTNTTQSVGSVPFSAPTERTRRSETESVNPVSTPASVEYHAG(MSE)
KSLNKAPYSSNS
;
A,C,E
2 'polypeptide(L)'
;MSQQVGNSIRRKLVIVGDGACGKTCLLIVNSKGQFPEVYVPTVFENYVADVEVDGRRVELALWDTAGQEDYDRLRPLSYP
DSNVVLICFSIDLPDSLENVQEKWIAEVLHFCQGVPIILVGCKVDLRNDPQTIEQLRQEGQQPVTSQEGQSVADQIGATG
YYECSAKTGYGVREVFEAATRASLMGKS
;
B,D,F
#
# COMPACT_ATOMS: atom_id res chain seq x y z
N ASN A 76 22.29 -35.01 2.26
CA ASN A 76 21.61 -35.03 0.94
C ASN A 76 20.11 -35.02 1.08
N PHE A 77 19.59 -34.27 2.05
CA PHE A 77 18.14 -34.21 2.25
C PHE A 77 17.43 -33.60 1.04
N LEU A 78 18.15 -32.79 0.26
CA LEU A 78 17.57 -32.18 -0.94
C LEU A 78 17.45 -33.25 -2.02
N ALA A 79 18.50 -34.05 -2.17
CA ALA A 79 18.51 -35.13 -3.16
C ALA A 79 17.33 -36.07 -2.96
N GLU A 80 17.12 -36.47 -1.71
CA GLU A 80 16.03 -37.38 -1.37
C GLU A 80 14.71 -36.71 -1.71
N GLN A 81 14.62 -35.43 -1.33
CA GLN A 81 13.43 -34.63 -1.58
C GLN A 81 13.13 -34.59 -3.07
N TYR A 82 14.17 -34.34 -3.87
CA TYR A 82 14.01 -34.26 -5.31
C TYR A 82 13.46 -35.59 -5.83
N GLU A 83 14.11 -36.68 -5.44
CA GLU A 83 13.69 -38.01 -5.87
C GLU A 83 12.25 -38.29 -5.47
N ARG A 84 11.92 -37.95 -4.24
CA ARG A 84 10.58 -38.15 -3.72
C ARG A 84 9.61 -37.33 -4.57
N ASP A 85 9.88 -36.04 -4.69
CA ASP A 85 9.04 -35.13 -5.47
C ASP A 85 8.93 -35.60 -6.92
N ARG A 86 10.06 -36.01 -7.49
CA ARG A 86 10.07 -36.47 -8.86
C ARG A 86 9.06 -37.57 -9.06
N LYS A 87 9.27 -38.67 -8.32
CA LYS A 87 8.41 -39.84 -8.37
C LYS A 87 6.95 -39.45 -8.26
N ALA A 88 6.65 -38.61 -7.29
CA ALA A 88 5.28 -38.16 -7.07
C ALA A 88 4.73 -37.38 -8.23
N ILE A 89 5.52 -36.41 -8.70
CA ILE A 89 5.09 -35.57 -9.79
C ILE A 89 4.82 -36.37 -11.06
N ILE A 90 5.71 -37.29 -11.43
CA ILE A 90 5.44 -38.05 -12.64
C ILE A 90 4.25 -38.99 -12.48
N ASN A 91 4.03 -39.53 -11.29
CA ASN A 91 2.91 -40.44 -11.04
C ASN A 91 1.51 -39.87 -11.21
N CYS A 92 1.33 -38.58 -10.93
CA CYS A 92 -0.01 -38.02 -11.06
C CYS A 92 -0.19 -37.03 -12.20
N CYS A 93 0.87 -36.67 -12.90
CA CYS A 93 0.72 -35.71 -13.98
C CYS A 93 1.42 -36.06 -15.27
N PHE A 94 2.35 -37.01 -15.23
CA PHE A 94 3.10 -37.39 -16.42
C PHE A 94 3.27 -38.89 -16.55
N SER A 95 2.27 -39.65 -16.13
CA SER A 95 2.37 -41.11 -16.21
C SER A 95 1.17 -41.72 -16.92
N ARG A 96 -0.02 -41.49 -16.37
CA ARG A 96 -1.23 -42.02 -16.97
C ARG A 96 -1.79 -41.02 -17.97
N PRO A 97 -2.32 -41.51 -19.10
CA PRO A 97 -2.88 -40.60 -20.10
C PRO A 97 -3.97 -39.74 -19.49
N ASP A 98 -4.12 -38.52 -20.00
CA ASP A 98 -5.10 -37.57 -19.49
C ASP A 98 -6.48 -38.21 -19.27
N HIS A 99 -7.05 -37.99 -18.10
CA HIS A 99 -8.36 -38.55 -17.78
C HIS A 99 -9.47 -37.86 -18.57
N LYS A 100 -9.26 -36.58 -18.88
CA LYS A 100 -10.23 -35.81 -19.64
C LYS A 100 -10.39 -36.45 -21.03
N THR A 101 -9.26 -36.56 -21.74
CA THR A 101 -9.22 -37.17 -23.07
C THR A 101 -8.07 -38.18 -23.09
N GLY A 102 -8.26 -39.31 -23.77
CA GLY A 102 -7.21 -40.32 -23.83
C GLY A 102 -5.80 -39.84 -24.17
N GLU A 103 -5.68 -38.56 -24.52
CA GLU A 103 -4.40 -37.92 -24.90
C GLU A 103 -3.21 -38.26 -24.01
N PRO A 104 -2.13 -38.82 -24.59
CA PRO A 104 -0.97 -39.14 -23.78
C PRO A 104 -0.40 -37.96 -22.99
N PRO A 105 0.26 -38.26 -21.87
CA PRO A 105 0.83 -37.21 -21.03
C PRO A 105 2.18 -36.72 -21.54
N ASN A 106 2.60 -35.57 -21.02
CA ASN A 106 3.90 -35.00 -21.39
C ASN A 106 4.96 -35.80 -20.65
N ASN A 107 6.22 -35.61 -21.06
CA ASN A 107 7.31 -36.28 -20.38
C ASN A 107 7.98 -35.29 -19.44
N TYR A 108 8.06 -35.69 -18.17
CA TYR A 108 8.68 -34.87 -17.15
C TYR A 108 10.14 -34.66 -17.51
N ILE A 109 10.63 -33.48 -17.22
CA ILE A 109 12.03 -33.17 -17.49
C ILE A 109 12.68 -32.80 -16.15
N THR A 110 12.05 -31.91 -15.40
CA THR A 110 12.59 -31.48 -14.12
C THR A 110 11.62 -30.55 -13.43
N HIS A 111 11.93 -30.18 -12.19
CA HIS A 111 11.07 -29.30 -11.42
C HIS A 111 11.89 -28.61 -10.33
N VAL A 112 11.26 -27.68 -9.63
CA VAL A 112 11.90 -26.99 -8.53
C VAL A 112 10.80 -26.39 -7.67
N ARG A 113 10.99 -26.45 -6.36
CA ARG A 113 10.03 -25.88 -5.44
C ARG A 113 10.29 -24.38 -5.36
N ILE A 114 9.22 -23.60 -5.23
CA ILE A 114 9.36 -22.15 -5.16
C ILE A 114 8.43 -21.49 -4.17
N ILE A 115 8.81 -20.29 -3.77
CA ILE A 115 8.03 -19.53 -2.85
C ILE A 115 7.61 -18.23 -3.54
N GLU A 116 6.31 -18.09 -3.74
CA GLU A 116 5.75 -16.92 -4.38
C GLU A 116 5.11 -15.98 -3.38
N ASP A 117 5.23 -14.68 -3.61
CA ASP A 117 4.61 -13.71 -2.72
C ASP A 117 3.45 -13.08 -3.49
N SER A 118 2.23 -13.22 -2.95
CA SER A 118 1.06 -12.69 -3.62
C SER A 118 1.00 -11.17 -3.66
N LYS A 119 1.59 -10.52 -2.66
CA LYS A 119 1.59 -9.07 -2.63
C LYS A 119 2.68 -8.52 -3.53
N PHE A 120 3.74 -9.29 -3.71
CA PHE A 120 4.84 -8.87 -4.58
C PHE A 120 5.23 -10.01 -5.52
N PRO A 121 4.37 -10.29 -6.49
CA PRO A 121 4.54 -11.35 -7.48
C PRO A 121 5.60 -11.08 -8.55
N SER A 122 5.92 -9.82 -8.79
CA SER A 122 6.90 -9.50 -9.82
C SER A 122 8.12 -8.69 -9.39
N SER A 123 8.47 -8.72 -8.12
CA SER A 123 9.64 -7.99 -7.63
C SER A 123 10.00 -8.50 -6.27
N ARG A 124 11.26 -8.31 -5.87
CA ARG A 124 11.70 -8.76 -4.57
C ARG A 124 10.79 -8.16 -3.52
N PRO A 125 10.16 -9.01 -2.70
CA PRO A 125 9.26 -8.45 -1.67
C PRO A 125 10.06 -7.93 -0.47
N PRO A 126 9.55 -6.90 0.20
CA PRO A 126 10.23 -6.31 1.36
C PRO A 126 10.36 -7.33 2.49
N PRO A 127 11.39 -7.18 3.33
CA PRO A 127 11.64 -8.08 4.46
C PRO A 127 10.46 -8.28 5.42
N ASP A 128 9.52 -7.35 5.42
CA ASP A 128 8.39 -7.45 6.33
C ASP A 128 7.11 -8.00 5.73
N SER A 129 7.19 -8.55 4.53
CA SER A 129 5.98 -9.10 3.93
C SER A 129 5.57 -10.31 4.77
N LYS A 130 4.36 -10.25 5.33
CA LYS A 130 3.85 -11.32 6.20
C LYS A 130 3.73 -12.70 5.56
N LEU A 131 4.01 -13.72 6.36
CA LEU A 131 3.96 -15.10 5.90
C LEU A 131 2.67 -15.47 5.20
N GLU A 132 1.56 -14.85 5.58
CA GLU A 132 0.27 -15.15 4.94
C GLU A 132 0.30 -14.79 3.45
N ASN A 133 1.27 -13.98 3.07
CA ASN A 133 1.38 -13.56 1.67
C ASN A 133 2.13 -14.57 0.81
N LYS A 134 2.95 -15.39 1.45
CA LYS A 134 3.75 -16.40 0.75
C LYS A 134 2.93 -17.60 0.30
N LYS A 135 3.26 -18.14 -0.86
CA LYS A 135 2.58 -19.31 -1.42
C LYS A 135 3.64 -20.32 -1.81
N LYS A 136 3.48 -21.57 -1.39
CA LYS A 136 4.44 -22.61 -1.73
C LYS A 136 3.99 -23.28 -3.00
N ARG A 137 4.83 -23.21 -4.02
CA ARG A 137 4.49 -23.78 -5.32
C ARG A 137 5.70 -24.45 -5.94
N LEU A 138 5.48 -25.02 -7.13
CA LEU A 138 6.54 -25.66 -7.89
C LEU A 138 6.49 -25.21 -9.33
N LEU A 139 7.64 -25.29 -10.00
CA LEU A 139 7.72 -25.00 -11.42
C LEU A 139 8.13 -26.33 -12.00
N ILE A 140 7.39 -26.87 -12.94
CA ILE A 140 7.80 -28.14 -13.51
C ILE A 140 7.94 -28.02 -15.04
N LEU A 141 8.99 -28.64 -15.57
CA LEU A 141 9.27 -28.59 -16.98
C LEU A 141 8.96 -29.92 -17.66
N SER A 142 8.25 -29.86 -18.78
CA SER A 142 7.90 -31.07 -19.52
C SER A 142 7.90 -30.82 -21.01
N ALA A 143 7.95 -31.92 -21.76
CA ALA A 143 7.93 -31.86 -23.22
C ALA A 143 6.68 -32.56 -23.70
N LYS A 144 6.13 -32.12 -24.83
CA LYS A 144 4.95 -32.74 -25.41
C LYS A 144 5.39 -34.16 -25.82
N PRO A 145 4.45 -35.13 -25.77
CA PRO A 145 4.73 -36.52 -26.12
C PRO A 145 5.34 -36.68 -27.50
N ASN A 146 4.73 -36.02 -28.47
CA ASN A 146 5.17 -36.07 -29.85
C ASN A 146 6.51 -35.37 -30.08
N ASN A 147 6.54 -34.05 -29.85
CA ASN A 147 7.73 -33.26 -30.08
C ASN A 147 8.53 -32.90 -28.81
N ALA A 148 9.80 -33.29 -28.81
CA ALA A 148 10.69 -33.03 -27.67
C ALA A 148 11.26 -31.60 -27.68
N LYS A 149 10.87 -30.82 -28.69
CA LYS A 149 11.31 -29.42 -28.81
C LYS A 149 10.19 -28.51 -28.30
N LEU A 150 9.06 -29.11 -27.94
CA LEU A 150 7.94 -28.32 -27.44
C LEU A 150 7.92 -28.47 -25.93
N ILE A 151 8.79 -27.74 -25.26
CA ILE A 151 8.79 -27.87 -23.83
C ILE A 151 7.89 -26.81 -23.20
N GLN A 152 7.35 -27.14 -22.03
CA GLN A 152 6.45 -26.25 -21.33
C GLN A 152 6.85 -26.08 -19.87
N ILE A 153 6.48 -24.94 -19.30
CA ILE A 153 6.74 -24.62 -17.91
C ILE A 153 5.38 -24.67 -17.25
N HIS A 154 5.27 -25.46 -16.18
CA HIS A 154 4.01 -25.57 -15.46
C HIS A 154 4.18 -25.07 -14.02
N LYS A 155 3.21 -24.31 -13.51
CA LYS A 155 3.24 -23.84 -12.14
C LYS A 155 2.25 -24.74 -11.40
N ALA A 156 2.72 -25.46 -10.39
CA ALA A 156 1.87 -26.38 -9.66
C ALA A 156 1.78 -26.13 -8.17
N ARG A 157 0.74 -26.71 -7.58
CA ARG A 157 0.50 -26.59 -6.15
C ARG A 157 0.38 -28.00 -5.64
N GLU A 158 1.05 -28.29 -4.53
CA GLU A 158 0.97 -29.62 -3.96
C GLU A 158 -0.20 -29.64 -2.99
N ASN A 159 -1.10 -30.59 -3.18
CA ASN A 159 -2.25 -30.72 -2.30
C ASN A 159 -2.00 -31.87 -1.33
N SER A 160 -2.86 -32.02 -0.32
CA SER A 160 -2.69 -33.10 0.65
C SER A 160 -2.60 -34.43 -0.11
N ASP A 161 -2.38 -35.51 0.61
CA ASP A 161 -2.25 -36.83 -0.01
C ASP A 161 -1.04 -36.90 -0.96
N GLY A 162 -0.28 -35.82 -1.02
CA GLY A 162 0.93 -35.77 -1.83
C GLY A 162 0.82 -35.55 -3.33
N SER A 163 -0.39 -35.32 -3.82
CA SER A 163 -0.64 -35.11 -5.25
C SER A 163 -0.39 -33.64 -5.63
N PHE A 164 -0.24 -33.39 -6.93
CA PHE A 164 -0.01 -32.05 -7.44
C PHE A 164 -1.10 -31.58 -8.40
N GLN A 165 -1.38 -30.29 -8.36
CA GLN A 165 -2.41 -29.70 -9.20
C GLN A 165 -1.80 -28.60 -10.08
N ILE A 166 -1.72 -28.86 -11.38
CA ILE A 166 -1.13 -27.90 -12.32
C ILE A 166 -2.04 -26.73 -12.64
N GLY A 167 -1.49 -25.53 -12.50
CA GLY A 167 -2.25 -24.33 -12.78
C GLY A 167 -1.77 -23.72 -14.08
N ARG A 168 -1.28 -22.48 -14.01
CA ARG A 168 -0.80 -21.77 -15.19
C ARG A 168 0.27 -22.52 -15.99
N THR A 169 0.29 -22.31 -17.30
CA THR A 169 1.27 -22.96 -18.15
C THR A 169 1.80 -21.99 -19.20
N TRP A 170 3.10 -22.09 -19.46
CA TRP A 170 3.77 -21.24 -20.44
C TRP A 170 4.57 -22.13 -21.38
N GLN A 171 4.93 -21.55 -22.53
CA GLN A 171 5.75 -22.22 -23.53
C GLN A 171 7.18 -21.72 -23.29
N LEU A 172 8.17 -22.60 -23.36
CA LEU A 172 9.55 -22.18 -23.14
C LEU A 172 9.88 -20.99 -24.04
N THR A 173 9.27 -20.97 -25.22
CA THR A 173 9.48 -19.90 -26.18
C THR A 173 9.25 -18.52 -25.57
N GLU A 174 8.36 -18.45 -24.57
CA GLU A 174 8.02 -17.19 -23.94
C GLU A 174 9.10 -16.64 -23.03
N LEU A 175 10.00 -17.52 -22.62
CA LEU A 175 11.08 -17.13 -21.72
C LEU A 175 11.93 -16.11 -22.45
N VAL A 176 11.89 -14.87 -21.99
CA VAL A 176 12.64 -13.82 -22.63
C VAL A 176 13.77 -13.27 -21.77
N ARG A 177 13.67 -13.47 -20.46
CA ARG A 177 14.69 -12.98 -19.56
C ARG A 177 14.80 -13.74 -18.24
N VAL A 178 16.03 -13.96 -17.79
CA VAL A 178 16.29 -14.65 -16.54
C VAL A 178 17.27 -13.83 -15.71
N GLU A 179 16.80 -13.33 -14.57
CA GLU A 179 17.65 -12.50 -13.73
C GLU A 179 17.93 -13.06 -12.33
N LYS A 180 19.17 -12.95 -11.89
CA LYS A 180 19.53 -13.41 -10.55
C LYS A 180 19.39 -12.24 -9.57
N ASP A 181 18.75 -12.48 -8.44
CA ASP A 181 18.58 -11.43 -7.44
C ASP A 181 19.92 -11.31 -6.69
N LEU A 182 20.49 -10.11 -6.68
CA LEU A 182 21.78 -9.89 -6.03
C LEU A 182 21.79 -9.84 -4.50
N GLU A 183 20.61 -9.74 -3.89
CA GLU A 183 20.56 -9.69 -2.43
C GLU A 183 20.16 -11.03 -1.81
N ILE A 184 19.10 -11.66 -2.33
CA ILE A 184 18.63 -12.96 -1.82
C ILE A 184 19.21 -14.09 -2.66
N SER A 185 19.97 -14.98 -2.03
CA SER A 185 20.60 -16.10 -2.72
C SER A 185 19.62 -17.11 -3.31
N GLU A 186 18.34 -16.94 -3.01
CA GLU A 186 17.33 -17.86 -3.51
C GLU A 186 16.39 -17.19 -4.49
N GLY A 187 16.58 -15.89 -4.69
CA GLY A 187 15.71 -15.14 -5.58
C GLY A 187 16.10 -15.04 -7.03
N PHE A 188 15.08 -15.00 -7.88
CA PHE A 188 15.29 -14.90 -9.30
C PHE A 188 14.03 -14.40 -9.98
N ILE A 189 14.19 -13.83 -11.17
CA ILE A 189 13.04 -13.31 -11.90
C ILE A 189 13.03 -13.85 -13.31
N LEU A 190 11.87 -14.40 -13.72
CA LEU A 190 11.68 -14.92 -15.06
C LEU A 190 10.73 -13.99 -15.76
N THR A 191 10.96 -13.75 -17.04
CA THR A 191 10.09 -12.88 -17.81
C THR A 191 9.51 -13.63 -18.98
N SER A 193 5.32 -13.22 -20.55
CA SER A 193 4.49 -12.11 -20.99
C SER A 193 4.70 -11.08 -19.89
N LYS A 194 4.76 -11.56 -18.65
CA LYS A 194 4.97 -10.71 -17.49
C LYS A 194 6.29 -11.02 -16.79
N LYS A 195 6.53 -10.30 -15.71
CA LYS A 195 7.71 -10.45 -14.88
C LYS A 195 7.31 -11.22 -13.61
N TYR A 196 8.01 -12.32 -13.30
CA TYR A 196 7.70 -13.12 -12.12
C TYR A 196 8.86 -13.28 -11.16
N TYR A 197 8.71 -12.79 -9.94
CA TYR A 197 9.74 -12.95 -8.94
C TYR A 197 9.40 -14.23 -8.15
N TRP A 198 10.40 -15.03 -7.87
CA TRP A 198 10.21 -16.25 -7.12
C TRP A 198 11.49 -16.55 -6.35
N GLU A 199 11.34 -17.22 -5.22
CA GLU A 199 12.48 -17.63 -4.42
C GLU A 199 12.46 -19.14 -4.37
N THR A 200 13.66 -19.71 -4.40
CA THR A 200 13.83 -21.14 -4.32
C THR A 200 13.87 -21.41 -2.79
N ASN A 201 13.74 -22.66 -2.35
CA ASN A 201 13.80 -22.91 -0.90
C ASN A 201 15.21 -22.74 -0.36
N SER A 202 16.22 -23.00 -1.17
CA SER A 202 17.61 -22.83 -0.74
C SER A 202 18.52 -22.32 -1.85
N ALA A 203 19.57 -21.60 -1.47
CA ALA A 203 20.51 -21.06 -2.44
C ALA A 203 20.93 -22.12 -3.47
N LYS A 204 21.29 -23.29 -2.98
CA LYS A 204 21.75 -24.38 -3.82
C LYS A 204 20.68 -24.77 -4.86
N GLU A 205 19.41 -24.66 -4.49
CA GLU A 205 18.35 -25.04 -5.42
C GLU A 205 18.16 -24.07 -6.58
N ARG A 206 18.39 -22.79 -6.34
CA ARG A 206 18.26 -21.82 -7.41
C ARG A 206 19.33 -22.13 -8.45
N THR A 207 20.56 -22.30 -7.99
CA THR A 207 21.65 -22.59 -8.89
C THR A 207 21.39 -23.83 -9.76
N VAL A 208 20.88 -24.90 -9.16
CA VAL A 208 20.65 -26.11 -9.94
C VAL A 208 19.55 -25.92 -10.95
N PHE A 209 18.45 -25.32 -10.51
CA PHE A 209 17.33 -25.08 -11.40
C PHE A 209 17.67 -24.19 -12.59
N ILE A 210 18.21 -23.00 -12.33
CA ILE A 210 18.57 -22.06 -13.38
C ILE A 210 19.56 -22.66 -14.38
N LYS A 211 20.46 -23.49 -13.87
CA LYS A 211 21.42 -24.14 -14.76
C LYS A 211 20.62 -25.01 -15.73
N SER A 212 19.65 -25.73 -15.17
CA SER A 212 18.77 -26.62 -15.92
C SER A 212 17.98 -25.86 -16.96
N LEU A 213 17.29 -24.81 -16.52
CA LEU A 213 16.46 -24.00 -17.39
C LEU A 213 17.23 -23.44 -18.60
N ILE A 214 18.40 -22.84 -18.36
CA ILE A 214 19.17 -22.27 -19.45
C ILE A 214 19.73 -23.34 -20.38
N THR A 215 20.30 -24.39 -19.80
CA THR A 215 20.83 -25.46 -20.64
C THR A 215 19.69 -25.97 -21.52
N LEU A 216 18.53 -26.21 -20.90
CA LEU A 216 17.37 -26.68 -21.64
C LEU A 216 17.06 -25.75 -22.82
N TYR A 217 16.85 -24.47 -22.55
CA TYR A 217 16.56 -23.50 -23.61
C TYR A 217 17.62 -23.62 -24.70
N ILE A 218 18.89 -23.58 -24.30
CA ILE A 218 19.96 -23.67 -25.28
C ILE A 218 19.84 -24.92 -26.14
N GLN A 219 19.56 -26.06 -25.54
CA GLN A 219 19.44 -27.30 -26.30
C GLN A 219 18.24 -27.29 -27.24
N THR A 220 17.18 -26.64 -26.80
CA THR A 220 15.94 -26.56 -27.57
C THR A 220 15.92 -25.56 -28.70
N PHE A 221 16.60 -24.44 -28.51
CA PHE A 221 16.55 -23.41 -29.54
C PHE A 221 17.82 -23.09 -30.28
N GLU A 222 18.41 -24.11 -30.90
CA GLU A 222 19.61 -23.93 -31.69
C GLU A 222 20.64 -23.02 -31.04
N GLY A 223 21.05 -23.35 -29.81
CA GLY A 223 22.06 -22.55 -29.13
C GLY A 223 21.75 -21.13 -28.65
N HIS A 224 20.52 -20.65 -28.85
CA HIS A 224 20.14 -19.32 -28.40
C HIS A 224 19.93 -19.28 -26.90
N VAL A 225 19.83 -18.07 -26.35
CA VAL A 225 19.61 -17.88 -24.93
C VAL A 225 18.78 -16.63 -24.69
N PRO A 226 18.04 -16.61 -23.57
CA PRO A 226 17.21 -15.47 -23.21
C PRO A 226 18.19 -14.43 -22.63
N GLU A 227 17.69 -13.23 -22.37
CA GLU A 227 18.55 -12.23 -21.79
C GLU A 227 18.94 -12.72 -20.39
N LEU A 228 20.24 -12.73 -20.11
CA LEU A 228 20.75 -13.16 -18.81
C LEU A 228 21.22 -11.94 -17.99
N VAL A 229 20.76 -11.84 -16.74
CA VAL A 229 21.17 -10.72 -15.93
C VAL A 229 21.74 -11.11 -14.57
N ASN A 230 22.97 -10.69 -14.33
CA ASN A 230 23.71 -10.93 -13.08
C ASN A 230 24.20 -12.33 -12.83
N TRP A 231 24.19 -13.18 -13.84
CA TRP A 231 24.70 -14.52 -13.68
C TRP A 231 26.15 -14.61 -14.14
N ASP A 232 26.93 -15.49 -13.51
CA ASP A 232 28.29 -15.73 -13.92
C ASP A 232 28.09 -16.69 -15.10
N LEU A 233 28.30 -16.18 -16.31
CA LEU A 233 28.11 -16.95 -17.53
C LEU A 233 28.76 -18.32 -17.57
N SER A 234 29.84 -18.52 -16.83
CA SER A 234 30.49 -19.83 -16.86
C SER A 234 29.60 -20.89 -16.21
N LEU A 235 28.56 -20.45 -15.51
CA LEU A 235 27.62 -21.37 -14.89
C LEU A 235 26.95 -22.20 -15.97
N PHE A 236 26.74 -21.57 -17.12
CA PHE A 236 26.08 -22.20 -18.24
C PHE A 236 27.05 -22.62 -19.33
N TYR A 237 28.32 -22.67 -18.99
CA TYR A 237 29.36 -23.03 -19.94
C TYR A 237 29.31 -22.12 -21.17
N LEU A 238 29.26 -20.82 -20.89
CA LEU A 238 29.24 -19.76 -21.89
C LEU A 238 30.19 -18.65 -21.43
N ASP A 239 30.41 -17.65 -22.29
CA ASP A 239 31.25 -16.51 -21.93
C ASP A 239 30.68 -15.29 -22.63
N GLU A 240 31.22 -14.11 -22.36
CA GLU A 240 30.73 -12.88 -22.98
C GLU A 240 30.52 -13.04 -24.47
N ARG A 241 31.52 -13.58 -25.16
CA ARG A 241 31.43 -13.76 -26.59
C ARG A 241 30.29 -14.65 -27.04
N SER A 242 30.27 -15.89 -26.56
CA SER A 242 29.23 -16.83 -26.93
C SER A 242 27.85 -16.30 -26.58
N TYR A 243 27.73 -15.72 -25.41
CA TYR A 243 26.47 -15.15 -24.97
C TYR A 243 26.00 -14.07 -25.95
N GLN A 244 26.87 -13.08 -26.21
CA GLN A 244 26.53 -12.00 -27.12
C GLN A 244 25.98 -12.51 -28.44
N ARG A 245 26.60 -13.54 -28.97
CA ARG A 245 26.17 -14.12 -30.23
C ARG A 245 24.81 -14.82 -30.12
N ALA A 246 24.58 -15.50 -28.99
CA ALA A 246 23.33 -16.24 -28.78
C ALA A 246 22.08 -15.49 -28.28
N VAL A 247 22.25 -14.37 -27.59
CA VAL A 247 21.09 -13.66 -27.04
C VAL A 247 20.03 -13.32 -28.07
N ILE A 248 18.77 -13.57 -27.74
CA ILE A 248 17.67 -13.34 -28.67
C ILE A 248 17.41 -11.87 -28.89
N THR A 249 18.17 -11.05 -28.19
CA THR A 249 18.04 -9.62 -28.27
C THR A 249 18.87 -9.13 -29.43
N ASN A 250 19.75 -10.01 -29.88
CA ASN A 250 20.68 -9.76 -30.97
C ASN A 250 20.03 -10.06 -32.33
N ARG A 251 18.85 -9.50 -32.55
CA ARG A 251 18.09 -9.68 -33.79
C ARG A 251 17.39 -8.34 -34.02
N PRO A 252 17.52 -7.76 -35.23
CA PRO A 252 16.91 -6.47 -35.58
C PRO A 252 15.50 -6.08 -35.07
N GLY A 253 14.49 -6.93 -35.26
CA GLY A 253 13.16 -6.55 -34.81
C GLY A 253 12.73 -7.00 -33.42
N SER A 254 13.64 -7.62 -32.69
CA SER A 254 13.35 -8.15 -31.37
C SER A 254 13.11 -7.21 -30.19
N VAL A 255 13.73 -6.03 -30.18
CA VAL A 255 13.57 -5.11 -29.06
C VAL A 255 12.78 -3.87 -29.44
N SER A 256 11.63 -3.66 -28.83
CA SER A 256 10.83 -2.49 -29.18
C SER A 256 11.43 -1.24 -28.60
N PRO A 257 11.27 -0.11 -29.27
CA PRO A 257 11.82 1.16 -28.79
C PRO A 257 10.98 1.80 -27.69
N ILE A 258 11.56 2.75 -26.97
CA ILE A 258 10.80 3.47 -25.95
C ILE A 258 9.95 4.44 -26.78
N LYS A 259 9.24 5.35 -26.12
CA LYS A 259 8.45 6.33 -26.84
C LYS A 259 8.48 7.69 -26.17
N SER A 260 8.18 8.73 -26.95
CA SER A 260 8.17 10.12 -26.48
C SER A 260 9.32 10.44 -25.52
N SER B 8 -15.20 -19.68 21.03
CA SER B 8 -13.84 -20.04 21.53
C SER B 8 -12.86 -18.87 21.39
N ILE B 9 -11.66 -19.05 21.95
CA ILE B 9 -10.63 -18.02 21.89
C ILE B 9 -9.55 -18.48 20.90
N ARG B 10 -9.06 -17.57 20.06
CA ARG B 10 -8.02 -17.91 19.10
C ARG B 10 -6.64 -17.60 19.68
N ARG B 11 -5.80 -18.64 19.74
CA ARG B 11 -4.44 -18.49 20.26
C ARG B 11 -3.45 -18.96 19.19
N LYS B 12 -2.25 -18.40 19.23
CA LYS B 12 -1.19 -18.74 18.28
C LYS B 12 -0.02 -19.42 18.95
N LEU B 13 0.37 -20.58 18.42
CA LEU B 13 1.49 -21.35 18.91
C LEU B 13 2.58 -21.44 17.84
N VAL B 14 3.83 -21.16 18.21
CA VAL B 14 4.96 -21.24 17.28
C VAL B 14 5.88 -22.34 17.80
N ILE B 15 6.38 -23.17 16.91
CA ILE B 15 7.28 -24.23 17.34
C ILE B 15 8.57 -24.19 16.55
N VAL B 16 9.69 -24.17 17.28
CA VAL B 16 11.00 -24.10 16.65
C VAL B 16 11.95 -25.14 17.24
N GLY B 17 13.14 -25.25 16.65
CA GLY B 17 14.12 -26.21 17.14
C GLY B 17 14.93 -26.84 16.04
N ASP B 18 16.06 -27.45 16.39
CA ASP B 18 16.92 -28.09 15.41
C ASP B 18 16.16 -28.87 14.33
N GLY B 19 16.76 -28.94 13.14
CA GLY B 19 16.13 -29.66 12.06
C GLY B 19 16.06 -31.14 12.37
N ALA B 20 14.89 -31.74 12.13
CA ALA B 20 14.70 -33.16 12.37
C ALA B 20 14.61 -33.58 13.84
N CYS B 21 14.37 -32.63 14.75
CA CYS B 21 14.28 -33.01 16.15
C CYS B 21 12.88 -33.55 16.46
N GLY B 22 11.97 -33.47 15.48
CA GLY B 22 10.63 -33.99 15.66
C GLY B 22 9.47 -33.03 15.74
N LYS B 23 9.70 -31.76 15.43
CA LYS B 23 8.62 -30.78 15.50
C LYS B 23 7.35 -31.10 14.71
N THR B 24 7.48 -31.40 13.42
CA THR B 24 6.31 -31.69 12.58
C THR B 24 5.55 -32.93 13.04
N CYS B 25 6.27 -34.02 13.31
CA CYS B 25 5.62 -35.25 13.77
C CYS B 25 4.83 -34.99 15.05
N LEU B 26 5.37 -34.12 15.91
CA LEU B 26 4.69 -33.77 17.14
C LEU B 26 3.31 -33.23 16.78
N LEU B 27 3.28 -32.29 15.84
CA LEU B 27 2.03 -31.69 15.38
C LEU B 27 1.09 -32.69 14.72
N ILE B 28 1.63 -33.51 13.82
CA ILE B 28 0.83 -34.50 13.10
C ILE B 28 0.14 -35.46 14.05
N VAL B 29 0.94 -36.17 14.84
CA VAL B 29 0.40 -37.14 15.77
C VAL B 29 -0.63 -36.55 16.72
N ASN B 30 -0.37 -35.36 17.23
CA ASN B 30 -1.31 -34.72 18.15
C ASN B 30 -2.65 -34.45 17.50
N SER B 31 -2.63 -33.64 16.45
CA SER B 31 -3.85 -33.22 15.73
C SER B 31 -4.69 -34.32 15.10
N LYS B 32 -4.14 -35.52 14.96
CA LYS B 32 -4.89 -36.62 14.35
C LYS B 32 -4.19 -37.94 14.62
N GLY B 33 -3.22 -38.26 13.78
CA GLY B 33 -2.48 -39.49 13.94
C GLY B 33 -1.55 -39.81 12.77
N GLN B 34 -1.18 -41.08 12.66
CA GLN B 34 -0.31 -41.60 11.61
C GLN B 34 1.10 -41.04 11.76
N PHE B 35 1.98 -41.82 12.37
CA PHE B 35 3.37 -41.39 12.56
C PHE B 35 4.16 -41.52 11.26
N PRO B 36 4.67 -40.39 10.74
CA PRO B 36 5.45 -40.39 9.50
C PRO B 36 6.85 -40.89 9.77
N GLU B 37 7.28 -41.91 9.03
CA GLU B 37 8.60 -42.50 9.19
C GLU B 37 9.68 -41.78 8.37
N VAL B 38 9.35 -41.43 7.13
CA VAL B 38 10.29 -40.73 6.24
C VAL B 38 10.36 -39.24 6.55
N TYR B 39 11.58 -38.74 6.65
CA TYR B 39 11.82 -37.35 6.98
C TYR B 39 11.61 -36.41 5.79
N VAL B 40 10.75 -35.43 6.00
CA VAL B 40 10.44 -34.43 4.99
C VAL B 40 10.56 -33.05 5.63
N PRO B 41 11.71 -32.40 5.45
CA PRO B 41 12.00 -31.07 6.00
C PRO B 41 10.90 -30.06 5.75
N THR B 42 10.63 -29.24 6.76
CA THR B 42 9.61 -28.21 6.66
C THR B 42 10.27 -26.90 6.27
N VAL B 43 9.58 -26.10 5.46
CA VAL B 43 10.06 -24.79 5.08
C VAL B 43 9.24 -23.93 6.04
N PHE B 44 7.93 -24.03 5.90
CA PHE B 44 6.99 -23.34 6.79
C PHE B 44 5.58 -23.82 6.45
N GLU B 45 4.78 -24.06 7.48
CA GLU B 45 3.41 -24.55 7.29
C GLU B 45 2.54 -24.20 8.50
N ASN B 46 1.32 -23.77 8.24
CA ASN B 46 0.37 -23.41 9.30
C ASN B 46 -0.77 -24.42 9.42
N TYR B 47 -1.18 -24.68 10.65
CA TYR B 47 -2.27 -25.61 10.92
C TYR B 47 -3.15 -24.97 11.98
N VAL B 48 -4.37 -25.48 12.12
CA VAL B 48 -5.29 -24.98 13.13
C VAL B 48 -5.98 -26.15 13.79
N ALA B 49 -5.79 -26.28 15.10
CA ALA B 49 -6.43 -27.35 15.84
C ALA B 49 -7.24 -26.75 16.97
N ASP B 50 -8.41 -27.35 17.23
CA ASP B 50 -9.27 -26.87 18.30
C ASP B 50 -9.05 -27.75 19.53
N VAL B 51 -8.28 -27.21 20.48
CA VAL B 51 -7.96 -27.92 21.70
C VAL B 51 -8.94 -27.59 22.82
N GLU B 52 -9.11 -28.54 23.73
CA GLU B 52 -10.01 -28.40 24.88
C GLU B 52 -9.22 -28.52 26.18
N VAL B 53 -9.16 -27.43 26.94
CA VAL B 53 -8.45 -27.48 28.20
C VAL B 53 -9.16 -26.67 29.28
N ASP B 54 -9.46 -27.35 30.38
CA ASP B 54 -10.13 -26.76 31.52
C ASP B 54 -11.44 -26.08 31.14
N GLY B 55 -12.22 -26.75 30.31
CA GLY B 55 -13.51 -26.21 29.89
C GLY B 55 -13.48 -25.14 28.79
N ARG B 56 -12.33 -24.50 28.61
CA ARG B 56 -12.21 -23.47 27.58
C ARG B 56 -11.83 -24.05 26.23
N ARG B 57 -12.63 -23.75 25.21
CA ARG B 57 -12.37 -24.22 23.86
C ARG B 57 -11.53 -23.18 23.14
N VAL B 58 -10.42 -23.62 22.56
CA VAL B 58 -9.54 -22.69 21.85
C VAL B 58 -9.25 -23.09 20.41
N GLU B 59 -9.17 -22.09 19.55
CA GLU B 59 -8.85 -22.29 18.15
C GLU B 59 -7.35 -22.03 18.11
N LEU B 60 -6.59 -23.11 18.26
CA LEU B 60 -5.14 -23.04 18.31
C LEU B 60 -4.46 -23.05 16.94
N ALA B 61 -3.88 -21.91 16.57
CA ALA B 61 -3.17 -21.80 15.31
C ALA B 61 -1.78 -22.33 15.58
N LEU B 62 -1.34 -23.29 14.77
CA LEU B 62 -0.02 -23.90 14.92
C LEU B 62 0.89 -23.51 13.76
N TRP B 63 1.92 -22.73 14.05
CA TRP B 63 2.88 -22.25 13.05
C TRP B 63 4.15 -23.09 13.05
N ASP B 64 4.20 -24.08 12.16
CA ASP B 64 5.36 -24.97 12.05
C ASP B 64 6.48 -24.21 11.31
N THR B 65 7.72 -24.39 11.73
CA THR B 65 8.83 -23.70 11.09
C THR B 65 9.94 -24.66 10.65
N ALA B 66 11.00 -24.09 10.07
CA ALA B 66 12.12 -24.88 9.58
C ALA B 66 13.28 -25.00 10.57
N GLY B 67 13.76 -26.22 10.75
CA GLY B 67 14.88 -26.46 11.64
C GLY B 67 16.19 -26.47 10.88
N GLN B 68 16.11 -26.79 9.60
CA GLN B 68 17.30 -26.84 8.74
C GLN B 68 17.95 -25.47 8.57
N GLU B 69 19.27 -25.44 8.70
CA GLU B 69 20.04 -24.20 8.57
C GLU B 69 19.78 -23.50 7.24
N ASP B 70 19.63 -24.31 6.20
CA ASP B 70 19.42 -23.78 4.85
C ASP B 70 18.11 -23.01 4.64
N TYR B 71 17.22 -23.01 5.62
CA TYR B 71 15.96 -22.29 5.45
C TYR B 71 15.73 -21.21 6.53
N ASP B 72 16.74 -20.94 7.35
CA ASP B 72 16.64 -19.93 8.41
C ASP B 72 15.85 -18.69 8.00
N ARG B 73 16.23 -18.14 6.85
CA ARG B 73 15.62 -16.95 6.27
C ARG B 73 14.17 -16.64 6.63
N LEU B 74 13.28 -17.62 6.47
CA LEU B 74 11.85 -17.42 6.73
C LEU B 74 11.35 -17.43 8.17
N ARG B 75 12.07 -18.08 9.08
CA ARG B 75 11.63 -18.16 10.47
C ARG B 75 11.05 -16.90 11.09
N PRO B 76 11.81 -15.79 11.07
CA PRO B 76 11.33 -14.54 11.67
C PRO B 76 9.90 -14.21 11.29
N LEU B 77 9.43 -14.72 10.15
CA LEU B 77 8.08 -14.44 9.70
C LEU B 77 6.98 -15.17 10.49
N SER B 78 7.34 -16.25 11.17
CA SER B 78 6.36 -17.02 11.94
C SER B 78 6.20 -16.53 13.37
N TYR B 79 7.26 -15.96 13.93
CA TYR B 79 7.29 -15.46 15.30
C TYR B 79 6.27 -14.41 15.76
N PRO B 80 5.94 -13.43 14.92
CA PRO B 80 5.00 -12.36 15.24
C PRO B 80 4.09 -12.44 16.47
N ASP B 81 2.78 -12.42 16.25
CA ASP B 81 1.84 -12.42 17.37
C ASP B 81 1.59 -13.77 18.02
N SER B 82 2.64 -14.32 18.61
CA SER B 82 2.59 -15.61 19.28
C SER B 82 2.09 -15.51 20.72
N ASN B 83 1.30 -16.50 21.13
CA ASN B 83 0.79 -16.54 22.48
C ASN B 83 1.58 -17.55 23.30
N VAL B 84 2.35 -18.38 22.59
CA VAL B 84 3.18 -19.38 23.23
C VAL B 84 4.19 -19.92 22.23
N VAL B 85 5.39 -20.20 22.70
CA VAL B 85 6.46 -20.72 21.86
C VAL B 85 6.91 -22.05 22.42
N LEU B 86 7.14 -23.02 21.54
CA LEU B 86 7.63 -24.32 21.97
C LEU B 86 9.02 -24.51 21.37
N ILE B 87 10.03 -24.66 22.21
CA ILE B 87 11.37 -24.88 21.72
C ILE B 87 11.63 -26.36 21.89
N CYS B 88 12.00 -27.04 20.82
CA CYS B 88 12.23 -28.47 20.93
C CYS B 88 13.68 -28.85 20.74
N PHE B 89 13.99 -30.07 21.14
CA PHE B 89 15.31 -30.63 20.97
C PHE B 89 15.01 -32.12 20.93
N SER B 90 15.97 -32.90 20.48
CA SER B 90 15.77 -34.33 20.38
C SER B 90 16.56 -34.98 21.49
N ILE B 91 15.93 -35.82 22.30
CA ILE B 91 16.69 -36.43 23.39
C ILE B 91 17.78 -37.40 22.92
N ASP B 92 17.74 -37.86 21.67
CA ASP B 92 18.79 -38.76 21.21
C ASP B 92 19.96 -37.94 20.63
N LEU B 93 19.85 -36.62 20.66
CA LEU B 93 20.92 -35.75 20.15
C LEU B 93 21.24 -34.66 21.16
N PRO B 94 22.14 -34.94 22.09
CA PRO B 94 22.53 -33.97 23.12
C PRO B 94 22.87 -32.62 22.53
N ASP B 95 23.48 -32.61 21.35
CA ASP B 95 23.85 -31.35 20.73
C ASP B 95 22.63 -30.48 20.53
N SER B 96 21.49 -31.09 20.20
CA SER B 96 20.27 -30.31 19.98
C SER B 96 19.86 -29.57 21.25
N LEU B 97 20.19 -30.12 22.42
CA LEU B 97 19.84 -29.44 23.66
C LEU B 97 20.80 -28.28 23.86
N GLU B 98 22.04 -28.47 23.43
CA GLU B 98 23.05 -27.42 23.53
C GLU B 98 22.55 -26.20 22.76
N ASN B 99 22.11 -26.42 21.53
CA ASN B 99 21.63 -25.35 20.68
C ASN B 99 20.44 -24.63 21.28
N VAL B 100 19.70 -25.31 22.14
CA VAL B 100 18.54 -24.70 22.77
C VAL B 100 18.97 -23.43 23.49
N GLN B 101 20.08 -23.54 24.21
CA GLN B 101 20.63 -22.42 24.98
C GLN B 101 21.71 -21.66 24.21
N GLU B 102 22.29 -22.30 23.22
CA GLU B 102 23.34 -21.68 22.42
C GLU B 102 22.81 -21.05 21.13
N LYS B 103 21.50 -20.92 21.01
CA LYS B 103 20.92 -20.35 19.78
C LYS B 103 19.44 -20.03 19.87
N TRP B 104 18.63 -21.05 20.14
CA TRP B 104 17.19 -20.90 20.20
C TRP B 104 16.62 -19.90 21.21
N ILE B 105 17.06 -19.93 22.47
CA ILE B 105 16.52 -18.97 23.46
C ILE B 105 16.72 -17.57 22.94
N ALA B 106 17.96 -17.31 22.55
CA ALA B 106 18.36 -16.00 22.03
C ALA B 106 17.41 -15.56 20.92
N GLU B 107 17.18 -16.43 19.95
CA GLU B 107 16.29 -16.10 18.84
C GLU B 107 14.86 -15.88 19.30
N VAL B 108 14.36 -16.77 20.16
CA VAL B 108 12.98 -16.62 20.64
C VAL B 108 12.85 -15.34 21.43
N LEU B 109 13.84 -15.07 22.29
CA LEU B 109 13.81 -13.88 23.11
C LEU B 109 13.74 -12.60 22.29
N HIS B 110 14.41 -12.60 21.15
CA HIS B 110 14.42 -11.44 20.28
C HIS B 110 13.12 -11.19 19.53
N PHE B 111 12.54 -12.26 18.99
CA PHE B 111 11.31 -12.15 18.22
C PHE B 111 10.02 -12.36 19.01
N CYS B 112 10.14 -12.86 20.24
CA CYS B 112 8.95 -13.12 21.05
C CYS B 112 9.06 -12.58 22.47
N GLN B 113 9.57 -11.37 22.60
CA GLN B 113 9.73 -10.72 23.90
C GLN B 113 8.48 -10.85 24.77
N GLY B 114 8.63 -11.49 25.93
CA GLY B 114 7.52 -11.65 26.86
C GLY B 114 6.48 -12.70 26.54
N VAL B 115 6.88 -13.77 25.85
CA VAL B 115 5.94 -14.84 25.51
C VAL B 115 6.33 -16.13 26.23
N PRO B 116 5.35 -16.82 26.82
CA PRO B 116 5.58 -18.07 27.54
C PRO B 116 6.32 -19.11 26.69
N ILE B 117 7.34 -19.74 27.26
CA ILE B 117 8.10 -20.77 26.54
C ILE B 117 7.89 -22.14 27.16
N ILE B 118 7.86 -23.16 26.32
CA ILE B 118 7.70 -24.53 26.78
C ILE B 118 8.79 -25.37 26.15
N LEU B 119 9.74 -25.84 26.94
CA LEU B 119 10.81 -26.66 26.40
C LEU B 119 10.27 -28.06 26.23
N VAL B 120 10.45 -28.62 25.03
CA VAL B 120 9.94 -29.96 24.74
C VAL B 120 11.02 -30.92 24.27
N GLY B 121 11.17 -32.02 25.00
CA GLY B 121 12.14 -33.03 24.64
C GLY B 121 11.37 -34.02 23.78
N CYS B 122 11.84 -34.22 22.55
CA CYS B 122 11.17 -35.14 21.65
C CYS B 122 11.91 -36.44 21.49
N LYS B 123 11.20 -37.45 20.99
CA LYS B 123 11.75 -38.77 20.79
C LYS B 123 12.17 -39.46 22.12
N VAL B 124 11.33 -39.33 23.16
CA VAL B 124 11.65 -39.95 24.43
C VAL B 124 11.77 -41.45 24.27
N ASP B 125 11.12 -41.97 23.24
CA ASP B 125 11.17 -43.41 22.96
C ASP B 125 12.58 -43.87 22.64
N LEU B 126 13.49 -42.92 22.47
CA LEU B 126 14.86 -43.31 22.14
C LEU B 126 15.78 -43.30 23.35
N ARG B 127 15.34 -42.69 24.44
CA ARG B 127 16.17 -42.61 25.64
C ARG B 127 16.78 -43.92 26.08
N ASN B 128 16.01 -45.00 26.00
CA ASN B 128 16.55 -46.27 26.43
C ASN B 128 16.80 -47.24 25.28
N ASP B 129 16.90 -46.68 24.07
CA ASP B 129 17.15 -47.50 22.89
C ASP B 129 18.61 -47.91 22.93
N PRO B 130 18.88 -49.21 23.08
CA PRO B 130 20.26 -49.68 23.13
C PRO B 130 21.08 -49.27 21.90
N GLN B 131 20.46 -49.28 20.73
CA GLN B 131 21.17 -48.90 19.51
C GLN B 131 21.55 -47.42 19.55
N THR B 132 20.61 -46.58 19.94
CA THR B 132 20.85 -45.14 20.03
C THR B 132 22.03 -44.92 20.97
N ILE B 133 21.95 -45.55 22.14
CA ILE B 133 22.95 -45.48 23.17
C ILE B 133 24.36 -45.86 22.68
N GLU B 134 24.44 -47.00 22.00
CA GLU B 134 25.71 -47.49 21.49
C GLU B 134 26.29 -46.53 20.47
N GLN B 135 25.44 -46.01 19.60
CA GLN B 135 25.91 -45.09 18.59
C GLN B 135 26.44 -43.80 19.20
N LEU B 136 25.76 -43.28 20.22
CA LEU B 136 26.20 -42.06 20.88
C LEU B 136 27.50 -42.27 21.64
N ARG B 137 27.82 -43.53 21.91
CA ARG B 137 29.05 -43.87 22.62
C ARG B 137 30.23 -43.50 21.73
N GLN B 138 30.10 -43.77 20.44
CA GLN B 138 31.17 -43.45 19.49
C GLN B 138 31.42 -41.94 19.48
N GLU B 139 30.35 -41.16 19.64
CA GLU B 139 30.43 -39.70 19.69
C GLU B 139 30.83 -39.30 21.11
N GLY B 140 31.04 -40.30 21.96
CA GLY B 140 31.41 -40.03 23.33
C GLY B 140 30.35 -39.33 24.13
N GLN B 141 29.10 -39.74 23.98
CA GLN B 141 28.01 -39.15 24.75
C GLN B 141 26.80 -40.07 24.89
N GLN B 142 25.75 -39.59 25.55
CA GLN B 142 24.58 -40.42 25.75
C GLN B 142 23.27 -39.63 25.75
N PRO B 143 22.14 -40.33 25.58
CA PRO B 143 20.82 -39.70 25.55
C PRO B 143 20.60 -38.65 26.64
N VAL B 144 19.91 -37.58 26.27
CA VAL B 144 19.59 -36.50 27.19
C VAL B 144 18.75 -37.05 28.33
N THR B 145 19.05 -36.64 29.56
CA THR B 145 18.29 -37.12 30.71
C THR B 145 17.32 -36.06 31.19
N SER B 146 16.29 -36.50 31.91
CA SER B 146 15.27 -35.62 32.44
C SER B 146 15.87 -34.46 33.25
N GLN B 147 16.92 -34.75 34.02
CA GLN B 147 17.59 -33.75 34.84
C GLN B 147 18.12 -32.64 33.94
N GLU B 148 18.88 -33.06 32.93
CA GLU B 148 19.48 -32.16 31.97
C GLU B 148 18.41 -31.30 31.30
N GLY B 149 17.32 -31.95 30.90
CA GLY B 149 16.23 -31.24 30.27
C GLY B 149 15.70 -30.17 31.19
N GLN B 150 15.30 -30.58 32.39
CA GLN B 150 14.77 -29.64 33.39
C GLN B 150 15.73 -28.48 33.64
N SER B 151 17.01 -28.82 33.72
CA SER B 151 18.06 -27.82 33.95
C SER B 151 18.00 -26.69 32.93
N VAL B 152 18.18 -27.04 31.65
CA VAL B 152 18.17 -26.04 30.59
C VAL B 152 16.82 -25.34 30.54
N ALA B 153 15.76 -26.07 30.87
CA ALA B 153 14.42 -25.49 30.87
C ALA B 153 14.43 -24.33 31.86
N ASP B 154 15.01 -24.58 33.03
CA ASP B 154 15.08 -23.56 34.07
C ASP B 154 16.01 -22.42 33.68
N GLN B 155 17.16 -22.76 33.10
CA GLN B 155 18.11 -21.75 32.68
C GLN B 155 17.52 -20.77 31.66
N ILE B 156 16.69 -21.28 30.75
CA ILE B 156 16.09 -20.41 29.74
C ILE B 156 14.81 -19.76 30.21
N GLY B 157 14.40 -20.07 31.44
CA GLY B 157 13.20 -19.48 31.99
C GLY B 157 11.92 -19.99 31.34
N ALA B 158 11.94 -21.24 30.91
CA ALA B 158 10.77 -21.85 30.29
C ALA B 158 9.70 -21.96 31.35
N THR B 159 8.44 -21.77 30.97
CA THR B 159 7.38 -21.87 31.96
C THR B 159 6.88 -23.31 32.03
N GLY B 160 7.72 -24.24 31.59
CA GLY B 160 7.36 -25.65 31.63
C GLY B 160 8.27 -26.53 30.80
N TYR B 161 8.52 -27.75 31.27
CA TYR B 161 9.35 -28.69 30.54
C TYR B 161 8.62 -30.00 30.41
N TYR B 162 8.50 -30.49 29.17
CA TYR B 162 7.79 -31.75 28.94
C TYR B 162 8.53 -32.65 27.97
N GLU B 163 8.30 -33.95 28.10
CA GLU B 163 8.93 -34.91 27.22
C GLU B 163 7.82 -35.69 26.53
N CYS B 164 8.10 -36.16 25.32
CA CYS B 164 7.10 -36.90 24.57
C CYS B 164 7.73 -37.70 23.46
N SER B 165 6.92 -38.55 22.85
CA SER B 165 7.34 -39.39 21.74
C SER B 165 6.19 -39.44 20.74
N ALA B 166 6.34 -38.74 19.62
CA ALA B 166 5.29 -38.75 18.62
C ALA B 166 5.16 -40.18 18.08
N LYS B 167 6.27 -40.91 18.12
CA LYS B 167 6.24 -42.27 17.62
C LYS B 167 5.24 -43.15 18.36
N THR B 168 5.17 -43.00 19.69
CA THR B 168 4.24 -43.81 20.49
C THR B 168 3.05 -42.98 20.96
N GLY B 169 3.17 -41.67 20.87
CA GLY B 169 2.10 -40.79 21.29
C GLY B 169 2.26 -40.34 22.74
N TYR B 170 3.15 -41.01 23.47
CA TYR B 170 3.37 -40.69 24.87
C TYR B 170 3.66 -39.22 25.15
N GLY B 171 2.95 -38.67 26.13
CA GLY B 171 3.14 -37.28 26.54
C GLY B 171 2.79 -36.20 25.53
N VAL B 172 2.31 -36.62 24.36
CA VAL B 172 1.94 -35.67 23.32
C VAL B 172 0.80 -34.74 23.72
N ARG B 173 -0.28 -35.31 24.27
CA ARG B 173 -1.41 -34.50 24.68
C ARG B 173 -1.06 -33.50 25.78
N GLU B 174 -0.27 -33.96 26.74
CA GLU B 174 0.14 -33.12 27.86
C GLU B 174 0.90 -31.88 27.37
N VAL B 175 1.70 -32.05 26.33
CA VAL B 175 2.48 -30.94 25.76
C VAL B 175 1.56 -29.84 25.26
N PHE B 176 0.49 -30.23 24.58
CA PHE B 176 -0.42 -29.23 24.05
C PHE B 176 -1.39 -28.65 25.06
N GLU B 177 -1.71 -29.41 26.11
CA GLU B 177 -2.60 -28.87 27.13
C GLU B 177 -1.79 -27.82 27.87
N ALA B 178 -0.53 -28.12 28.12
CA ALA B 178 0.35 -27.18 28.80
C ALA B 178 0.52 -25.93 27.95
N ALA B 179 0.77 -26.13 26.65
CA ALA B 179 0.97 -25.02 25.73
C ALA B 179 -0.30 -24.20 25.60
N THR B 180 -1.45 -24.88 25.50
CA THR B 180 -2.73 -24.19 25.40
C THR B 180 -2.97 -23.38 26.66
N ARG B 181 -2.65 -23.97 27.81
CA ARG B 181 -2.84 -23.27 29.06
C ARG B 181 -1.92 -22.06 29.15
N ALA B 182 -0.66 -22.23 28.75
CA ALA B 182 0.30 -21.13 28.79
C ALA B 182 -0.15 -20.02 27.83
N SER B 183 -0.76 -20.41 26.71
CA SER B 183 -1.21 -19.42 25.74
C SER B 183 -2.32 -18.54 26.28
N LEU B 184 -3.01 -19.01 27.32
CA LEU B 184 -4.10 -18.24 27.91
C LEU B 184 -3.65 -17.23 28.96
N MET B 185 -2.42 -17.38 29.44
CA MET B 185 -1.89 -16.44 30.43
C MET B 185 -1.16 -15.30 29.74
N SER C 75 17.13 30.70 -11.16
CA SER C 75 16.76 32.09 -11.60
C SER C 75 15.34 32.48 -11.17
N ASN C 76 14.36 32.08 -11.98
CA ASN C 76 12.96 32.37 -11.68
C ASN C 76 12.45 31.34 -10.69
N PHE C 77 13.33 30.93 -9.78
CA PHE C 77 13.02 29.91 -8.79
C PHE C 77 12.02 30.31 -7.73
N LEU C 78 11.91 31.60 -7.43
CA LEU C 78 10.94 32.06 -6.43
C LEU C 78 9.52 31.94 -6.96
N ALA C 79 9.32 32.36 -8.21
CA ALA C 79 8.00 32.29 -8.83
C ALA C 79 7.50 30.86 -8.90
N GLU C 80 8.37 29.97 -9.38
CA GLU C 80 7.98 28.57 -9.50
C GLU C 80 7.67 27.96 -8.15
N GLN C 81 8.47 28.31 -7.15
CA GLN C 81 8.27 27.81 -5.79
C GLN C 81 6.94 28.31 -5.24
N TYR C 82 6.56 29.54 -5.60
CA TYR C 82 5.30 30.12 -5.14
C TYR C 82 4.13 29.38 -5.76
N GLU C 83 4.21 29.21 -7.07
CA GLU C 83 3.17 28.49 -7.80
C GLU C 83 3.02 27.09 -7.26
N ARG C 84 4.14 26.42 -7.06
CA ARG C 84 4.15 25.06 -6.55
C ARG C 84 3.54 25.07 -5.15
N ASP C 85 3.97 26.01 -4.33
CA ASP C 85 3.45 26.11 -2.97
C ASP C 85 1.97 26.49 -2.95
N ARG C 86 1.54 27.40 -3.84
CA ARG C 86 0.14 27.78 -3.85
C ARG C 86 -0.79 26.59 -4.15
N LYS C 87 -0.50 25.88 -5.23
CA LYS C 87 -1.33 24.75 -5.63
C LYS C 87 -1.44 23.72 -4.51
N ALA C 88 -0.32 23.45 -3.84
CA ALA C 88 -0.35 22.48 -2.77
C ALA C 88 -1.14 22.98 -1.58
N ILE C 89 -0.98 24.26 -1.24
CA ILE C 89 -1.69 24.85 -0.12
C ILE C 89 -3.19 24.85 -0.41
N ILE C 90 -3.56 25.32 -1.59
CA ILE C 90 -4.97 25.37 -1.94
C ILE C 90 -5.58 23.98 -1.90
N ASN C 91 -4.84 23.02 -2.43
CA ASN C 91 -5.30 21.64 -2.50
C ASN C 91 -5.58 20.93 -1.21
N CYS C 92 -4.90 21.29 -0.13
CA CYS C 92 -5.14 20.58 1.12
C CYS C 92 -5.78 21.39 2.24
N CYS C 93 -5.96 22.69 2.05
CA CYS C 93 -6.54 23.49 3.12
C CYS C 93 -7.65 24.43 2.67
N PHE C 94 -7.82 24.59 1.36
CA PHE C 94 -8.83 25.48 0.85
C PHE C 94 -9.55 24.87 -0.35
N SER C 95 -9.92 23.60 -0.19
CA SER C 95 -10.61 22.85 -1.23
C SER C 95 -11.88 22.16 -0.73
N ARG C 96 -11.79 21.39 0.36
CA ARG C 96 -12.97 20.72 0.90
C ARG C 96 -13.31 21.14 2.32
N PRO C 97 -14.61 21.21 2.63
CA PRO C 97 -15.21 21.58 3.92
C PRO C 97 -14.45 21.27 5.21
N ASP C 98 -14.95 21.87 6.29
CA ASP C 98 -14.39 21.77 7.64
C ASP C 98 -14.16 20.32 8.08
N HIS C 99 -12.88 19.96 8.27
CA HIS C 99 -12.51 18.62 8.70
C HIS C 99 -12.84 18.34 10.16
N LYS C 100 -13.76 19.14 10.71
CA LYS C 100 -14.22 18.98 12.08
C LYS C 100 -15.52 19.76 12.31
N THR C 101 -16.15 20.20 11.24
CA THR C 101 -17.41 20.96 11.33
C THR C 101 -18.20 20.88 10.02
N GLY C 102 -17.50 20.70 8.91
CA GLY C 102 -18.16 20.61 7.61
C GLY C 102 -18.66 21.92 7.03
N GLU C 103 -17.89 22.99 7.23
CA GLU C 103 -18.22 24.33 6.72
C GLU C 103 -17.43 24.50 5.43
N PRO C 104 -17.96 25.29 4.48
CA PRO C 104 -17.23 25.49 3.22
C PRO C 104 -15.79 25.90 3.55
N PRO C 105 -14.83 25.60 2.67
CA PRO C 105 -13.44 25.99 2.99
C PRO C 105 -13.23 27.50 2.75
N ASN C 106 -12.19 28.07 3.34
CA ASN C 106 -11.89 29.48 3.14
C ASN C 106 -11.24 29.64 1.78
N ASN C 107 -11.10 30.88 1.31
CA ASN C 107 -10.46 31.11 0.03
C ASN C 107 -9.05 31.62 0.18
N TYR C 108 -8.13 30.86 -0.39
CA TYR C 108 -6.73 31.21 -0.36
C TYR C 108 -6.55 32.60 -0.95
N ILE C 109 -5.69 33.38 -0.31
CA ILE C 109 -5.40 34.71 -0.80
C ILE C 109 -3.92 34.78 -1.21
N THR C 110 -3.04 34.42 -0.30
CA THR C 110 -1.61 34.43 -0.57
C THR C 110 -0.87 33.80 0.60
N HIS C 111 0.45 33.71 0.48
CA HIS C 111 1.26 33.12 1.55
C HIS C 111 2.73 33.51 1.35
N VAL C 112 3.53 33.22 2.37
CA VAL C 112 4.97 33.46 2.36
C VAL C 112 5.62 32.50 3.37
N ARG C 113 6.75 31.92 2.98
CA ARG C 113 7.47 31.01 3.86
C ARG C 113 8.21 31.89 4.85
N ILE C 114 8.40 31.39 6.07
CA ILE C 114 9.08 32.15 7.09
C ILE C 114 9.95 31.27 7.95
N ILE C 115 10.82 31.91 8.72
CA ILE C 115 11.71 31.22 9.64
C ILE C 115 11.48 31.83 11.01
N GLU C 116 11.09 30.98 11.95
CA GLU C 116 10.80 31.39 13.30
C GLU C 116 11.84 30.81 14.26
N ASP C 117 12.26 31.60 15.24
CA ASP C 117 13.23 31.12 16.22
C ASP C 117 12.50 30.81 17.52
N SER C 118 12.51 29.56 17.95
CA SER C 118 11.81 29.25 19.19
C SER C 118 12.40 29.95 20.43
N LYS C 119 13.72 30.13 20.50
CA LYS C 119 14.28 30.81 21.67
C LYS C 119 13.98 32.32 21.62
N PHE C 120 13.84 32.86 20.40
CA PHE C 120 13.57 34.28 20.24
C PHE C 120 12.41 34.54 19.28
N PRO C 121 11.20 34.16 19.69
CA PRO C 121 9.97 34.33 18.88
C PRO C 121 9.40 35.75 18.79
N SER C 122 9.83 36.65 19.66
CA SER C 122 9.29 38.01 19.61
C SER C 122 10.32 39.12 19.40
N SER C 123 11.56 38.75 19.13
CA SER C 123 12.59 39.76 18.91
C SER C 123 13.71 39.22 18.03
N ARG C 124 14.38 40.10 17.30
CA ARG C 124 15.47 39.68 16.43
C ARG C 124 16.35 38.73 17.22
N PRO C 125 16.67 37.57 16.65
CA PRO C 125 17.52 36.62 17.37
C PRO C 125 18.99 36.95 17.21
N PRO C 126 19.78 36.62 18.24
CA PRO C 126 21.23 36.89 18.20
C PRO C 126 21.89 36.05 17.08
N PRO C 127 22.95 36.57 16.46
CA PRO C 127 23.68 35.89 15.38
C PRO C 127 24.15 34.49 15.77
N ASP C 128 24.07 34.18 17.06
CA ASP C 128 24.54 32.91 17.53
C ASP C 128 23.45 31.91 17.92
N SER C 129 22.20 32.18 17.56
CA SER C 129 21.15 31.22 17.92
C SER C 129 21.31 30.00 17.01
N LYS C 130 21.59 28.84 17.61
CA LYS C 130 21.81 27.61 16.86
C LYS C 130 20.65 27.20 15.96
N LEU C 131 20.99 26.63 14.81
CA LEU C 131 19.99 26.22 13.83
C LEU C 131 18.85 25.38 14.44
N GLU C 132 19.15 24.62 15.48
CA GLU C 132 18.12 23.79 16.11
C GLU C 132 16.95 24.61 16.64
N ASN C 133 17.15 25.91 16.80
CA ASN C 133 16.10 26.78 17.31
C ASN C 133 15.20 27.34 16.21
N LYS C 134 15.64 27.23 14.97
CA LYS C 134 14.87 27.76 13.86
C LYS C 134 13.85 26.75 13.35
N LYS C 135 12.65 27.25 13.04
CA LYS C 135 11.55 26.41 12.51
C LYS C 135 11.11 26.98 11.18
N LYS C 136 10.92 26.11 10.20
CA LYS C 136 10.47 26.58 8.89
C LYS C 136 8.94 26.53 8.87
N ARG C 137 8.32 27.67 8.60
CA ARG C 137 6.88 27.72 8.59
C ARG C 137 6.40 28.61 7.48
N LEU C 138 5.09 28.77 7.40
CA LEU C 138 4.49 29.65 6.41
C LEU C 138 3.41 30.48 7.07
N LEU C 139 3.11 31.61 6.46
CA LEU C 139 2.03 32.47 6.90
C LEU C 139 1.09 32.44 5.70
N ILE C 140 -0.19 32.15 5.94
CA ILE C 140 -1.13 32.11 4.85
C ILE C 140 -2.29 33.04 5.11
N LEU C 141 -2.72 33.75 4.08
CA LEU C 141 -3.85 34.67 4.19
C LEU C 141 -5.04 34.06 3.44
N SER C 142 -6.22 34.14 4.05
CA SER C 142 -7.44 33.62 3.42
C SER C 142 -8.66 34.36 3.94
N ALA C 143 -9.78 34.20 3.25
CA ALA C 143 -11.02 34.85 3.65
C ALA C 143 -12.10 33.79 3.89
N LYS C 144 -13.08 34.15 4.70
CA LYS C 144 -14.18 33.24 4.98
C LYS C 144 -14.97 33.10 3.68
N PRO C 145 -15.56 31.92 3.45
CA PRO C 145 -16.33 31.64 2.23
C PRO C 145 -17.42 32.69 1.98
N ASN C 146 -18.19 32.98 3.01
CA ASN C 146 -19.29 33.93 2.92
C ASN C 146 -18.87 35.41 2.85
N ASN C 147 -18.07 35.85 3.82
CA ASN C 147 -17.64 37.24 3.84
C ASN C 147 -16.20 37.40 3.36
N ALA C 148 -16.02 38.23 2.35
CA ALA C 148 -14.69 38.50 1.79
C ALA C 148 -13.91 39.53 2.60
N LYS C 149 -14.55 40.12 3.61
CA LYS C 149 -13.91 41.11 4.47
C LYS C 149 -13.46 40.47 5.77
N LEU C 150 -13.66 39.16 5.87
CA LEU C 150 -13.23 38.46 7.07
C LEU C 150 -11.97 37.67 6.70
N ILE C 151 -10.84 38.36 6.80
CA ILE C 151 -9.53 37.81 6.51
C ILE C 151 -8.90 37.20 7.74
N GLN C 152 -8.16 36.11 7.54
CA GLN C 152 -7.46 35.45 8.64
C GLN C 152 -6.01 35.17 8.23
N ILE C 153 -5.15 35.07 9.23
CA ILE C 153 -3.74 34.76 9.01
C ILE C 153 -3.49 33.41 9.66
N HIS C 154 -2.90 32.50 8.91
CA HIS C 154 -2.61 31.17 9.42
C HIS C 154 -1.12 30.87 9.47
N LYS C 155 -0.66 30.20 10.51
CA LYS C 155 0.75 29.80 10.56
C LYS C 155 0.73 28.30 10.29
N ALA C 156 1.36 27.89 9.20
CA ALA C 156 1.37 26.47 8.84
C ALA C 156 2.75 25.85 8.84
N ARG C 157 2.77 24.53 8.88
CA ARG C 157 3.98 23.75 8.85
C ARG C 157 3.81 22.73 7.74
N GLU C 158 4.83 22.58 6.90
CA GLU C 158 4.76 21.60 5.82
C GLU C 158 5.23 20.25 6.31
N ASN C 159 4.43 19.22 6.05
CA ASN C 159 4.79 17.85 6.44
C ASN C 159 5.36 17.15 5.22
N SER C 160 5.76 15.88 5.40
CA SER C 160 6.27 15.10 4.28
C SER C 160 5.13 15.11 3.27
N ASP C 161 5.24 14.30 2.24
CA ASP C 161 4.21 14.21 1.19
C ASP C 161 3.79 15.56 0.62
N GLY C 162 4.43 16.64 1.05
CA GLY C 162 4.12 17.97 0.53
C GLY C 162 2.88 18.68 1.02
N SER C 163 2.16 18.10 1.97
CA SER C 163 0.95 18.73 2.48
C SER C 163 1.31 19.67 3.64
N PHE C 164 0.33 20.48 4.04
CA PHE C 164 0.55 21.41 5.13
C PHE C 164 -0.44 21.22 6.27
N GLN C 165 -0.02 21.59 7.46
CA GLN C 165 -0.86 21.48 8.63
C GLN C 165 -0.97 22.87 9.26
N ILE C 166 -2.20 23.38 9.34
CA ILE C 166 -2.41 24.69 9.91
C ILE C 166 -2.43 24.68 11.43
N GLY C 167 -1.65 25.59 12.01
CA GLY C 167 -1.60 25.69 13.45
C GLY C 167 -2.39 26.91 13.89
N ARG C 168 -1.74 27.83 14.58
CA ARG C 168 -2.38 29.05 15.06
C ARG C 168 -3.06 29.88 13.96
N THR C 169 -4.09 30.63 14.33
CA THR C 169 -4.77 31.50 13.37
C THR C 169 -5.12 32.83 14.05
N TRP C 170 -5.04 33.90 13.27
CA TRP C 170 -5.33 35.24 13.75
C TRP C 170 -6.33 35.88 12.82
N GLN C 171 -7.00 36.91 13.31
CA GLN C 171 -7.96 37.66 12.53
C GLN C 171 -7.20 38.91 12.10
N LEU C 172 -7.34 39.31 10.84
CA LEU C 172 -6.63 40.50 10.37
C LEU C 172 -6.82 41.67 11.33
N THR C 173 -8.02 41.74 11.89
CA THR C 173 -8.38 42.80 12.82
C THR C 173 -7.33 42.97 13.92
N GLU C 174 -6.78 41.85 14.38
CA GLU C 174 -5.76 41.89 15.44
C GLU C 174 -4.45 42.59 15.04
N LEU C 175 -4.19 42.69 13.74
CA LEU C 175 -2.97 43.32 13.27
C LEU C 175 -2.92 44.76 13.75
N VAL C 176 -2.06 45.03 14.71
CA VAL C 176 -1.93 46.36 15.30
C VAL C 176 -0.69 47.12 14.81
N ARG C 177 0.38 46.37 14.56
CA ARG C 177 1.61 47.00 14.11
C ARG C 177 2.44 46.07 13.24
N VAL C 178 3.08 46.68 12.24
CA VAL C 178 3.95 45.99 11.29
C VAL C 178 5.27 46.77 11.23
N GLU C 179 6.34 46.15 11.72
CA GLU C 179 7.64 46.81 11.76
C GLU C 179 8.76 46.15 10.95
N LYS C 180 9.55 46.96 10.26
CA LYS C 180 10.66 46.46 9.45
C LYS C 180 11.92 46.41 10.28
N ASP C 181 12.68 45.33 10.14
CA ASP C 181 13.93 45.21 10.87
C ASP C 181 14.97 45.99 10.09
N LEU C 182 15.71 46.86 10.79
CA LEU C 182 16.74 47.69 10.17
C LEU C 182 18.02 46.93 9.87
N GLU C 183 18.26 45.84 10.61
CA GLU C 183 19.45 45.02 10.44
C GLU C 183 19.35 43.89 9.41
N ILE C 184 18.34 43.05 9.57
CA ILE C 184 18.13 41.92 8.68
C ILE C 184 17.15 42.30 7.60
N SER C 185 17.53 42.15 6.34
CA SER C 185 16.63 42.50 5.26
C SER C 185 15.47 41.52 5.07
N GLU C 186 15.44 40.46 5.87
CA GLU C 186 14.38 39.47 5.79
C GLU C 186 13.50 39.56 7.04
N GLY C 187 14.01 40.27 8.05
CA GLY C 187 13.30 40.41 9.30
C GLY C 187 12.16 41.40 9.38
N PHE C 188 11.14 41.04 10.15
CA PHE C 188 9.99 41.90 10.34
C PHE C 188 9.22 41.46 11.57
N ILE C 189 8.43 42.36 12.13
CA ILE C 189 7.64 42.05 13.30
C ILE C 189 6.18 42.41 13.11
N LEU C 190 5.33 41.46 13.48
CA LEU C 190 3.90 41.67 13.39
C LEU C 190 3.38 41.62 14.81
N THR C 191 2.51 42.57 15.15
CA THR C 191 1.94 42.61 16.49
C THR C 191 0.43 42.48 16.46
N SER C 193 -2.00 40.15 19.43
CA SER C 193 -2.13 40.00 20.88
C SER C 193 -0.73 40.16 21.51
N LYS C 194 0.28 39.61 20.84
CA LYS C 194 1.65 39.69 21.30
C LYS C 194 2.50 40.15 20.13
N LYS C 195 3.80 40.21 20.37
CA LYS C 195 4.77 40.60 19.36
C LYS C 195 5.34 39.32 18.73
N TYR C 196 5.49 39.31 17.41
CA TYR C 196 6.02 38.14 16.71
C TYR C 196 7.10 38.56 15.73
N TYR C 197 8.30 38.03 15.92
CA TYR C 197 9.40 38.32 15.01
C TYR C 197 9.56 37.14 14.04
N TRP C 198 9.60 37.45 12.75
CA TRP C 198 9.78 36.42 11.73
C TRP C 198 10.70 36.91 10.63
N GLU C 199 11.43 35.98 10.02
CA GLU C 199 12.30 36.31 8.90
C GLU C 199 11.76 35.58 7.68
N THR C 200 11.79 36.27 6.56
CA THR C 200 11.36 35.72 5.30
C THR C 200 12.61 34.94 4.77
N ASN C 201 12.47 34.11 3.73
CA ASN C 201 13.65 33.39 3.25
C ASN C 201 14.63 34.29 2.51
N SER C 202 14.10 35.25 1.77
CA SER C 202 14.92 36.20 1.01
C SER C 202 14.38 37.62 1.15
N ALA C 203 15.28 38.61 1.11
CA ALA C 203 14.88 40.01 1.24
C ALA C 203 13.73 40.35 0.30
N LYS C 204 13.79 39.87 -0.93
CA LYS C 204 12.73 40.16 -1.89
C LYS C 204 11.38 39.68 -1.41
N GLU C 205 11.35 38.49 -0.82
CA GLU C 205 10.10 37.93 -0.34
C GLU C 205 9.48 38.74 0.77
N ARG C 206 10.29 39.38 1.61
CA ARG C 206 9.70 40.18 2.67
C ARG C 206 8.96 41.36 2.08
N THR C 207 9.59 42.08 1.19
CA THR C 207 8.91 43.23 0.66
C THR C 207 7.67 42.83 -0.15
N VAL C 208 7.70 41.68 -0.81
CA VAL C 208 6.52 41.30 -1.57
C VAL C 208 5.34 41.00 -0.64
N PHE C 209 5.64 40.27 0.43
CA PHE C 209 4.61 39.90 1.38
C PHE C 209 4.05 41.08 2.17
N ILE C 210 4.93 41.90 2.73
CA ILE C 210 4.48 43.06 3.50
C ILE C 210 3.60 43.97 2.66
N LYS C 211 3.97 44.20 1.41
CA LYS C 211 3.14 45.02 0.55
C LYS C 211 1.79 44.35 0.44
N SER C 212 1.80 43.05 0.16
CA SER C 212 0.57 42.26 0.06
C SER C 212 -0.30 42.43 1.31
N LEU C 213 0.33 42.24 2.46
CA LEU C 213 -0.35 42.33 3.74
C LEU C 213 -1.01 43.67 4.02
N ILE C 214 -0.26 44.77 3.94
CA ILE C 214 -0.92 46.04 4.24
C ILE C 214 -1.89 46.45 3.13
N THR C 215 -1.62 46.04 1.88
CA THR C 215 -2.56 46.39 0.81
C THR C 215 -3.89 45.76 1.15
N LEU C 216 -3.84 44.51 1.62
CA LEU C 216 -5.05 43.79 2.00
C LEU C 216 -5.79 44.55 3.11
N TYR C 217 -5.06 44.92 4.16
CA TYR C 217 -5.63 45.63 5.30
C TYR C 217 -6.36 46.86 4.78
N ILE C 218 -5.67 47.61 3.93
CA ILE C 218 -6.25 48.83 3.33
C ILE C 218 -7.55 48.52 2.60
N GLN C 219 -7.56 47.44 1.83
CA GLN C 219 -8.76 47.07 1.09
C GLN C 219 -9.90 46.59 1.98
N THR C 220 -9.57 45.93 3.08
CA THR C 220 -10.63 45.41 3.93
C THR C 220 -11.07 46.34 5.05
N PHE C 221 -10.23 47.29 5.43
CA PHE C 221 -10.61 48.19 6.51
C PHE C 221 -10.76 49.67 6.15
N GLU C 222 -11.63 49.95 5.19
CA GLU C 222 -11.92 51.34 4.78
C GLU C 222 -10.68 52.21 4.64
N GLY C 223 -9.66 51.72 3.95
CA GLY C 223 -8.46 52.51 3.76
C GLY C 223 -7.57 52.74 4.97
N HIS C 224 -7.90 52.15 6.11
CA HIS C 224 -7.07 52.33 7.31
C HIS C 224 -5.84 51.42 7.23
N VAL C 225 -4.87 51.66 8.10
CA VAL C 225 -3.63 50.89 8.10
C VAL C 225 -3.12 50.73 9.52
N PRO C 226 -2.41 49.62 9.80
CA PRO C 226 -1.89 49.46 11.16
C PRO C 226 -0.72 50.42 11.33
N GLU C 227 -0.12 50.39 12.50
CA GLU C 227 1.02 51.24 12.78
C GLU C 227 2.23 50.72 11.97
N LEU C 228 2.76 51.55 11.08
CA LEU C 228 3.91 51.18 10.24
C LEU C 228 5.21 51.70 10.86
N VAL C 229 6.21 50.83 10.96
CA VAL C 229 7.47 51.23 11.55
C VAL C 229 8.67 50.87 10.69
N ASN C 230 9.38 51.89 10.21
CA ASN C 230 10.58 51.75 9.38
C ASN C 230 10.33 51.42 7.91
N TRP C 231 9.11 51.58 7.43
CA TRP C 231 8.86 51.29 6.03
C TRP C 231 8.86 52.55 5.20
N ASP C 232 9.20 52.40 3.93
CA ASP C 232 9.16 53.50 2.98
C ASP C 232 7.68 53.49 2.60
N LEU C 233 6.95 54.47 3.08
CA LEU C 233 5.51 54.53 2.82
C LEU C 233 5.10 54.39 1.36
N SER C 234 5.95 54.84 0.44
CA SER C 234 5.61 54.73 -0.97
C SER C 234 5.46 53.26 -1.38
N LEU C 235 6.02 52.36 -0.58
CA LEU C 235 5.91 50.94 -0.89
C LEU C 235 4.44 50.60 -0.96
N PHE C 236 3.66 51.28 -0.14
CA PHE C 236 2.23 51.06 -0.04
C PHE C 236 1.41 52.13 -0.70
N TYR C 237 2.00 52.84 -1.66
CA TYR C 237 1.31 53.90 -2.35
C TYR C 237 0.68 54.85 -1.33
N LEU C 238 1.51 55.28 -0.39
CA LEU C 238 1.12 56.18 0.68
C LEU C 238 2.23 57.20 0.92
N ASP C 239 1.94 58.15 1.81
CA ASP C 239 2.90 59.18 2.18
C ASP C 239 2.59 59.61 3.62
N GLU C 240 3.45 60.44 4.21
CA GLU C 240 3.23 60.85 5.59
C GLU C 240 1.81 61.34 5.85
N ARG C 241 1.26 62.10 4.90
CA ARG C 241 -0.11 62.63 5.00
C ARG C 241 -1.18 61.53 5.08
N SER C 242 -1.33 60.78 3.98
CA SER C 242 -2.31 59.72 3.94
C SER C 242 -2.15 58.76 5.11
N TYR C 243 -0.92 58.37 5.40
CA TYR C 243 -0.65 57.46 6.51
C TYR C 243 -1.26 57.98 7.81
N GLN C 244 -0.80 59.16 8.25
CA GLN C 244 -1.30 59.74 9.49
C GLN C 244 -2.82 59.76 9.55
N ARG C 245 -3.44 60.00 8.41
CA ARG C 245 -4.89 60.03 8.33
C ARG C 245 -5.49 58.63 8.48
N ALA C 246 -4.79 57.62 7.95
CA ALA C 246 -5.25 56.24 7.97
C ALA C 246 -4.91 55.37 9.21
N VAL C 247 -3.84 55.72 9.93
CA VAL C 247 -3.44 54.94 11.10
C VAL C 247 -4.59 54.64 12.06
N ILE C 248 -4.68 53.39 12.52
CA ILE C 248 -5.74 53.02 13.45
C ILE C 248 -5.45 53.66 14.79
N THR C 249 -4.37 54.44 14.84
CA THR C 249 -3.96 55.14 16.05
C THR C 249 -4.69 56.48 16.13
N ASN C 250 -5.04 57.02 14.96
CA ASN C 250 -5.72 58.31 14.88
C ASN C 250 -7.22 58.21 14.54
N ARG C 251 -7.87 57.16 15.02
CA ARG C 251 -9.30 56.96 14.78
C ARG C 251 -10.12 57.46 15.96
N PRO C 252 -11.28 58.08 15.67
CA PRO C 252 -12.14 58.61 16.73
C PRO C 252 -12.82 57.54 17.61
N GLY C 253 -13.79 56.82 17.04
CA GLY C 253 -14.48 55.80 17.81
C GLY C 253 -15.29 56.40 18.95
N SER C 254 -16.47 55.84 19.21
CA SER C 254 -17.34 56.33 20.28
C SER C 254 -17.59 57.83 20.17
N SER D 8 27.72 3.03 17.91
CA SER D 8 28.47 3.58 16.73
C SER D 8 28.76 5.08 16.91
N ILE D 9 29.84 5.54 16.28
CA ILE D 9 30.22 6.94 16.37
C ILE D 9 29.29 7.85 15.56
N ARG D 10 29.13 9.06 16.06
CA ARG D 10 28.30 10.06 15.42
C ARG D 10 29.23 11.09 14.78
N ARG D 11 29.08 11.30 13.48
CA ARG D 11 29.90 12.25 12.74
C ARG D 11 28.99 13.23 12.02
N LYS D 12 29.48 14.46 11.82
CA LYS D 12 28.71 15.50 11.13
C LYS D 12 29.32 15.91 9.80
N LEU D 13 28.50 15.91 8.76
CA LEU D 13 28.92 16.33 7.42
C LEU D 13 28.12 17.56 6.98
N VAL D 14 28.80 18.58 6.49
CA VAL D 14 28.12 19.76 5.98
C VAL D 14 28.36 19.78 4.48
N ILE D 15 27.37 20.18 3.71
CA ILE D 15 27.55 20.24 2.26
C ILE D 15 27.11 21.60 1.71
N VAL D 16 28.01 22.23 0.94
CA VAL D 16 27.74 23.55 0.39
C VAL D 16 28.18 23.67 -1.08
N GLY D 17 27.80 24.77 -1.71
CA GLY D 17 28.15 24.97 -3.10
C GLY D 17 27.07 25.75 -3.81
N ASP D 18 27.38 26.29 -4.98
CA ASP D 18 26.42 27.06 -5.75
C ASP D 18 25.00 26.48 -5.76
N GLY D 19 24.02 27.37 -5.82
CA GLY D 19 22.64 26.93 -5.86
C GLY D 19 22.43 26.07 -7.10
N ALA D 20 21.70 24.97 -6.92
CA ALA D 20 21.38 24.06 -8.04
C ALA D 20 22.55 23.25 -8.62
N CYS D 21 23.68 23.16 -7.91
CA CYS D 21 24.80 22.40 -8.45
C CYS D 21 24.62 20.91 -8.19
N GLY D 22 23.56 20.55 -7.46
CA GLY D 22 23.26 19.17 -7.19
C GLY D 22 23.43 18.64 -5.77
N LYS D 23 23.61 19.53 -4.79
CA LYS D 23 23.80 19.08 -3.42
C LYS D 23 22.71 18.18 -2.83
N THR D 24 21.46 18.60 -2.90
CA THR D 24 20.38 17.82 -2.32
C THR D 24 20.16 16.48 -3.00
N CYS D 25 20.19 16.46 -4.33
CA CYS D 25 20.03 15.23 -5.09
C CYS D 25 21.12 14.23 -4.75
N LEU D 26 22.31 14.74 -4.47
CA LEU D 26 23.43 13.89 -4.11
C LEU D 26 23.03 13.14 -2.84
N LEU D 27 22.51 13.88 -1.85
CA LEU D 27 22.10 13.29 -0.60
C LEU D 27 20.91 12.34 -0.74
N ILE D 28 19.91 12.74 -1.53
CA ILE D 28 18.73 11.92 -1.75
C ILE D 28 19.09 10.57 -2.36
N VAL D 29 19.71 10.62 -3.54
CA VAL D 29 20.13 9.42 -4.28
C VAL D 29 20.98 8.49 -3.42
N ASN D 30 21.89 9.07 -2.64
CA ASN D 30 22.76 8.29 -1.76
C ASN D 30 22.00 7.54 -0.69
N SER D 31 21.31 8.30 0.16
CA SER D 31 20.56 7.75 1.28
C SER D 31 19.42 6.78 0.95
N LYS D 32 19.01 6.71 -0.30
CA LYS D 32 17.93 5.79 -0.67
C LYS D 32 17.80 5.73 -2.17
N GLY D 33 17.10 6.70 -2.75
CA GLY D 33 16.95 6.71 -4.19
C GLY D 33 15.95 7.71 -4.72
N GLN D 34 15.52 7.49 -5.94
CA GLN D 34 14.55 8.33 -6.64
C GLN D 34 15.15 9.70 -6.94
N PHE D 35 15.61 9.84 -8.18
CA PHE D 35 16.20 11.05 -8.65
C PHE D 35 15.15 12.10 -8.96
N PRO D 36 15.15 13.22 -8.20
CA PRO D 36 14.19 14.31 -8.36
C PRO D 36 14.58 15.14 -9.59
N GLU D 37 13.62 15.35 -10.48
CA GLU D 37 13.83 16.10 -11.70
C GLU D 37 13.58 17.60 -11.51
N VAL D 38 12.51 17.95 -10.81
CA VAL D 38 12.19 19.36 -10.61
C VAL D 38 12.97 19.96 -9.45
N TYR D 39 13.52 21.13 -9.70
CA TYR D 39 14.33 21.84 -8.73
C TYR D 39 13.56 22.54 -7.64
N VAL D 40 13.93 22.24 -6.40
CA VAL D 40 13.31 22.83 -5.21
C VAL D 40 14.46 23.29 -4.32
N PRO D 41 14.73 24.59 -4.32
CA PRO D 41 15.80 25.20 -3.51
C PRO D 41 15.73 24.85 -2.05
N THR D 42 16.89 24.60 -1.46
CA THR D 42 17.00 24.27 -0.04
C THR D 42 17.25 25.56 0.75
N VAL D 43 16.60 25.67 1.90
CA VAL D 43 16.83 26.82 2.78
C VAL D 43 17.84 26.19 3.75
N PHE D 44 17.42 25.11 4.40
CA PHE D 44 18.30 24.33 5.28
C PHE D 44 17.55 23.10 5.78
N GLU D 45 18.22 21.95 5.76
CA GLU D 45 17.61 20.72 6.23
C GLU D 45 18.62 19.66 6.63
N ASN D 46 18.34 18.98 7.74
CA ASN D 46 19.22 17.96 8.25
C ASN D 46 18.68 16.55 8.06
N TYR D 47 19.59 15.60 7.87
CA TYR D 47 19.24 14.20 7.68
C TYR D 47 20.28 13.38 8.41
N VAL D 48 20.02 12.10 8.59
CA VAL D 48 20.99 11.24 9.24
C VAL D 48 21.00 9.89 8.57
N ALA D 49 22.17 9.52 8.08
CA ALA D 49 22.33 8.24 7.41
C ALA D 49 23.36 7.42 8.15
N ASP D 50 23.14 6.11 8.22
CA ASP D 50 24.10 5.22 8.88
C ASP D 50 24.94 4.60 7.78
N VAL D 51 26.16 5.09 7.65
CA VAL D 51 27.08 4.60 6.64
C VAL D 51 27.97 3.52 7.24
N GLU D 52 28.48 2.64 6.38
CA GLU D 52 29.37 1.57 6.81
C GLU D 52 30.65 1.67 6.01
N VAL D 53 31.76 1.95 6.69
CA VAL D 53 33.06 2.07 6.03
C VAL D 53 34.17 1.42 6.83
N ASP D 54 34.91 0.53 6.17
CA ASP D 54 36.02 -0.19 6.79
C ASP D 54 35.62 -0.82 8.12
N GLY D 55 34.45 -1.47 8.14
CA GLY D 55 33.98 -2.13 9.35
C GLY D 55 33.40 -1.24 10.44
N ARG D 56 33.66 0.05 10.35
CA ARG D 56 33.15 1.00 11.36
C ARG D 56 31.75 1.51 10.97
N ARG D 57 30.81 1.36 11.90
CA ARG D 57 29.42 1.81 11.72
C ARG D 57 29.32 3.27 12.19
N VAL D 58 28.87 4.17 11.33
CA VAL D 58 28.77 5.56 11.74
C VAL D 58 27.39 6.15 11.51
N GLU D 59 26.97 6.98 12.46
CA GLU D 59 25.68 7.68 12.37
C GLU D 59 26.04 9.04 11.80
N LEU D 60 25.99 9.14 10.48
CA LEU D 60 26.36 10.35 9.79
C LEU D 60 25.28 11.41 9.65
N ALA D 61 25.43 12.50 10.39
CA ALA D 61 24.48 13.60 10.28
C ALA D 61 24.84 14.39 9.03
N LEU D 62 23.86 14.61 8.17
CA LEU D 62 24.03 15.36 6.94
C LEU D 62 23.32 16.71 7.00
N TRP D 63 24.10 17.77 7.08
CA TRP D 63 23.53 19.11 7.13
C TRP D 63 23.46 19.76 5.75
N ASP D 64 22.29 19.72 5.13
CA ASP D 64 22.12 20.30 3.81
C ASP D 64 21.94 21.82 3.96
N THR D 65 22.52 22.59 3.03
CA THR D 65 22.46 24.05 3.08
C THR D 65 21.94 24.67 1.80
N ALA D 66 21.81 26.00 1.80
CA ALA D 66 21.32 26.76 0.66
C ALA D 66 22.45 27.23 -0.24
N GLY D 67 22.28 27.04 -1.54
CA GLY D 67 23.27 27.49 -2.49
C GLY D 67 22.86 28.79 -3.13
N GLN D 68 21.57 29.08 -3.03
CA GLN D 68 21.00 30.28 -3.59
C GLN D 68 21.49 31.49 -2.77
N GLU D 69 21.93 32.54 -3.46
CA GLU D 69 22.44 33.73 -2.79
C GLU D 69 21.45 34.43 -1.87
N ASP D 70 20.17 34.40 -2.22
CA ASP D 70 19.17 35.06 -1.38
C ASP D 70 18.96 34.40 -0.02
N TYR D 71 19.63 33.27 0.23
CA TYR D 71 19.48 32.56 1.50
C TYR D 71 20.77 32.53 2.32
N ASP D 72 21.83 33.13 1.81
CA ASP D 72 23.13 33.14 2.50
C ASP D 72 23.06 33.20 4.02
N ARG D 73 22.29 34.18 4.49
CA ARG D 73 22.11 34.45 5.90
C ARG D 73 22.19 33.25 6.85
N LEU D 74 21.47 32.17 6.54
CA LEU D 74 21.47 31.01 7.44
C LEU D 74 22.67 30.03 7.42
N ARG D 75 23.40 29.97 6.31
CA ARG D 75 24.51 29.01 6.24
C ARG D 75 25.41 28.94 7.47
N PRO D 76 25.92 30.08 7.95
CA PRO D 76 26.79 30.04 9.13
C PRO D 76 26.26 29.15 10.26
N LEU D 77 24.94 28.95 10.28
CA LEU D 77 24.32 28.13 11.31
C LEU D 77 24.56 26.63 11.15
N SER D 78 24.87 26.19 9.94
CA SER D 78 25.11 24.78 9.68
C SER D 78 26.57 24.33 9.85
N TYR D 79 27.51 25.25 9.70
CA TYR D 79 28.94 24.96 9.81
C TYR D 79 29.55 24.45 11.13
N PRO D 80 29.05 24.92 12.30
CA PRO D 80 29.60 24.51 13.59
C PRO D 80 30.44 23.25 13.79
N ASP D 81 29.97 22.28 14.57
CA ASP D 81 30.80 21.12 14.83
C ASP D 81 30.86 20.09 13.73
N SER D 82 31.43 20.49 12.60
CA SER D 82 31.53 19.61 11.44
C SER D 82 32.76 18.73 11.48
N ASN D 83 32.60 17.49 11.01
CA ASN D 83 33.70 16.55 10.98
C ASN D 83 34.24 16.46 9.56
N VAL D 84 33.44 16.92 8.62
CA VAL D 84 33.85 16.91 7.22
C VAL D 84 32.93 17.83 6.43
N VAL D 85 33.52 18.51 5.46
CA VAL D 85 32.80 19.46 4.62
C VAL D 85 32.92 19.03 3.18
N LEU D 86 31.81 19.09 2.44
CA LEU D 86 31.84 18.78 1.02
C LEU D 86 31.52 20.07 0.31
N ILE D 87 32.40 20.49 -0.59
CA ILE D 87 32.14 21.68 -1.36
C ILE D 87 31.83 21.13 -2.75
N CYS D 88 30.70 21.53 -3.30
CA CYS D 88 30.34 21.04 -4.61
C CYS D 88 30.30 22.12 -5.65
N PHE D 89 30.36 21.69 -6.90
CA PHE D 89 30.26 22.57 -8.04
C PHE D 89 29.62 21.66 -9.07
N SER D 90 29.11 22.26 -10.13
CA SER D 90 28.45 21.49 -11.15
C SER D 90 29.35 21.47 -12.39
N ILE D 91 29.65 20.26 -12.87
CA ILE D 91 30.50 20.09 -14.04
C ILE D 91 29.99 20.79 -15.32
N ASP D 92 28.69 21.02 -15.42
CA ASP D 92 28.18 21.69 -16.61
C ASP D 92 28.23 23.20 -16.47
N LEU D 93 28.69 23.68 -15.31
CA LEU D 93 28.76 25.10 -15.03
C LEU D 93 30.14 25.55 -14.55
N PRO D 94 31.07 25.79 -15.48
CA PRO D 94 32.44 26.24 -15.15
C PRO D 94 32.47 27.34 -14.10
N ASP D 95 31.53 28.27 -14.19
CA ASP D 95 31.46 29.35 -13.21
C ASP D 95 31.36 28.82 -11.78
N SER D 96 30.61 27.73 -11.60
CA SER D 96 30.45 27.16 -10.27
C SER D 96 31.81 26.68 -9.73
N LEU D 97 32.71 26.30 -10.62
CA LEU D 97 34.03 25.85 -10.17
C LEU D 97 34.82 27.08 -9.74
N GLU D 98 34.66 28.18 -10.47
CA GLU D 98 35.36 29.41 -10.12
C GLU D 98 34.95 29.84 -8.72
N ASN D 99 33.65 29.81 -8.45
CA ASN D 99 33.14 30.19 -7.13
C ASN D 99 33.71 29.35 -6.00
N VAL D 100 34.12 28.12 -6.31
CA VAL D 100 34.69 27.25 -5.28
C VAL D 100 35.92 27.91 -4.66
N GLN D 101 36.76 28.51 -5.49
CA GLN D 101 37.95 29.16 -4.97
C GLN D 101 37.76 30.65 -4.81
N GLU D 102 36.76 31.18 -5.48
CA GLU D 102 36.50 32.60 -5.43
C GLU D 102 35.44 32.93 -4.38
N LYS D 103 35.07 31.96 -3.54
CA LYS D 103 34.04 32.21 -2.52
C LYS D 103 33.87 31.13 -1.47
N TRP D 104 33.59 29.92 -1.91
CA TRP D 104 33.36 28.79 -1.01
C TRP D 104 34.52 28.40 -0.10
N ILE D 105 35.73 28.31 -0.65
CA ILE D 105 36.87 27.92 0.17
C ILE D 105 37.08 28.91 1.30
N ALA D 106 37.02 30.19 0.98
CA ALA D 106 37.21 31.21 2.00
C ALA D 106 36.15 31.08 3.09
N GLU D 107 34.90 30.86 2.69
CA GLU D 107 33.82 30.69 3.64
C GLU D 107 34.01 29.46 4.52
N VAL D 108 34.30 28.32 3.91
CA VAL D 108 34.52 27.11 4.70
C VAL D 108 35.71 27.29 5.66
N LEU D 109 36.75 27.97 5.18
CA LEU D 109 37.93 28.20 6.00
C LEU D 109 37.65 29.03 7.24
N HIS D 110 36.74 30.00 7.13
CA HIS D 110 36.40 30.84 8.27
C HIS D 110 35.53 30.12 9.29
N PHE D 111 34.58 29.32 8.82
CA PHE D 111 33.67 28.63 9.73
C PHE D 111 34.02 27.19 10.08
N CYS D 112 34.97 26.59 9.37
CA CYS D 112 35.33 25.21 9.65
C CYS D 112 36.85 25.03 9.74
N GLN D 113 37.50 25.95 10.44
CA GLN D 113 38.94 25.91 10.63
C GLN D 113 39.45 24.51 11.04
N GLY D 114 40.29 23.92 10.21
CA GLY D 114 40.84 22.61 10.54
C GLY D 114 39.96 21.39 10.30
N VAL D 115 39.04 21.48 9.34
CA VAL D 115 38.15 20.35 9.03
C VAL D 115 38.42 19.85 7.61
N PRO D 116 38.56 18.53 7.44
CA PRO D 116 38.83 18.00 6.10
C PRO D 116 37.76 18.38 5.08
N ILE D 117 38.22 18.71 3.88
CA ILE D 117 37.35 19.10 2.79
C ILE D 117 37.40 18.09 1.64
N ILE D 118 36.25 17.84 1.01
CA ILE D 118 36.18 16.94 -0.13
C ILE D 118 35.50 17.74 -1.24
N LEU D 119 36.22 18.00 -2.34
CA LEU D 119 35.64 18.74 -3.43
C LEU D 119 34.88 17.74 -4.30
N VAL D 120 33.64 18.06 -4.62
CA VAL D 120 32.81 17.15 -5.41
C VAL D 120 32.26 17.75 -6.69
N GLY D 121 32.60 17.15 -7.81
CA GLY D 121 32.08 17.60 -9.09
C GLY D 121 30.78 16.83 -9.30
N CYS D 122 29.67 17.56 -9.44
CA CYS D 122 28.39 16.93 -9.63
C CYS D 122 27.94 17.00 -11.07
N LYS D 123 26.97 16.17 -11.40
CA LYS D 123 26.41 16.11 -12.73
C LYS D 123 27.43 15.65 -13.77
N VAL D 124 28.29 14.72 -13.39
CA VAL D 124 29.30 14.25 -14.33
C VAL D 124 28.61 13.68 -15.57
N ASP D 125 27.34 13.32 -15.46
CA ASP D 125 26.62 12.79 -16.61
C ASP D 125 26.45 13.85 -17.71
N LEU D 126 26.73 15.12 -17.40
CA LEU D 126 26.56 16.12 -18.42
C LEU D 126 27.86 16.48 -19.14
N ARG D 127 28.98 15.93 -18.65
CA ARG D 127 30.30 16.20 -19.26
C ARG D 127 30.34 15.97 -20.75
N ASN D 128 29.73 14.89 -21.22
CA ASN D 128 29.76 14.60 -22.63
C ASN D 128 28.42 14.81 -23.29
N ASP D 129 27.53 15.53 -22.64
CA ASP D 129 26.22 15.80 -23.22
C ASP D 129 26.40 16.79 -24.36
N PRO D 130 26.13 16.37 -25.59
CA PRO D 130 26.30 17.29 -26.71
C PRO D 130 25.52 18.59 -26.57
N GLN D 131 24.29 18.52 -26.06
CA GLN D 131 23.50 19.73 -25.91
C GLN D 131 24.13 20.66 -24.88
N THR D 132 24.63 20.10 -23.77
CA THR D 132 25.25 20.95 -22.78
C THR D 132 26.46 21.64 -23.41
N ILE D 133 27.27 20.86 -24.12
CA ILE D 133 28.45 21.37 -24.80
C ILE D 133 28.11 22.53 -25.75
N GLU D 134 27.11 22.33 -26.61
CA GLU D 134 26.71 23.38 -27.54
C GLU D 134 26.25 24.65 -26.84
N GLN D 135 25.47 24.47 -25.79
CA GLN D 135 24.97 25.62 -25.03
C GLN D 135 26.13 26.41 -24.42
N LEU D 136 27.09 25.70 -23.87
CA LEU D 136 28.23 26.35 -23.26
C LEU D 136 29.09 27.08 -24.29
N ARG D 137 29.01 26.66 -25.55
CA ARG D 137 29.78 27.31 -26.61
C ARG D 137 29.33 28.74 -26.79
N GLN D 138 28.03 28.97 -26.67
CA GLN D 138 27.49 30.31 -26.80
C GLN D 138 28.10 31.20 -25.71
N GLU D 139 28.30 30.64 -24.53
CA GLU D 139 28.89 31.39 -23.41
C GLU D 139 30.40 31.34 -23.58
N GLY D 140 30.84 30.74 -24.69
CA GLY D 140 32.26 30.63 -24.93
C GLY D 140 33.01 29.75 -23.94
N GLN D 141 32.42 28.65 -23.54
CA GLN D 141 33.11 27.75 -22.60
C GLN D 141 32.73 26.28 -22.80
N GLN D 142 33.25 25.43 -21.93
CA GLN D 142 32.95 24.01 -22.02
C GLN D 142 32.90 23.32 -20.66
N PRO D 143 32.33 22.11 -20.61
CA PRO D 143 32.23 21.36 -19.34
C PRO D 143 33.55 21.25 -18.60
N VAL D 144 33.49 21.34 -17.28
CA VAL D 144 34.66 21.21 -16.43
C VAL D 144 35.33 19.84 -16.65
N THR D 145 36.65 19.83 -16.76
CA THR D 145 37.40 18.59 -16.98
C THR D 145 37.95 18.06 -15.65
N SER D 146 38.22 16.76 -15.60
CA SER D 146 38.79 16.15 -14.38
C SER D 146 40.06 16.88 -13.95
N GLN D 147 40.90 17.25 -14.90
CA GLN D 147 42.16 17.94 -14.61
C GLN D 147 41.87 19.25 -13.88
N GLU D 148 40.94 20.04 -14.41
CA GLU D 148 40.57 21.31 -13.79
C GLU D 148 40.03 21.08 -12.40
N GLY D 149 39.19 20.05 -12.25
CA GLY D 149 38.63 19.71 -10.95
C GLY D 149 39.75 19.40 -9.97
N GLN D 150 40.62 18.45 -10.32
CA GLN D 150 41.76 18.10 -9.46
C GLN D 150 42.58 19.33 -9.08
N SER D 151 42.83 20.20 -10.06
CA SER D 151 43.62 21.41 -9.81
C SER D 151 43.06 22.26 -8.70
N VAL D 152 41.77 22.60 -8.83
CA VAL D 152 41.12 23.43 -7.82
C VAL D 152 41.11 22.73 -6.48
N ALA D 153 40.91 21.42 -6.52
CA ALA D 153 40.90 20.62 -5.31
C ALA D 153 42.23 20.80 -4.61
N ASP D 154 43.31 20.68 -5.38
CA ASP D 154 44.67 20.83 -4.86
C ASP D 154 44.90 22.25 -4.35
N GLN D 155 44.43 23.23 -5.12
CA GLN D 155 44.57 24.63 -4.75
C GLN D 155 43.90 24.96 -3.42
N ILE D 156 42.73 24.39 -3.16
CA ILE D 156 42.04 24.68 -1.90
C ILE D 156 42.45 23.75 -0.77
N GLY D 157 43.36 22.82 -1.04
CA GLY D 157 43.81 21.93 0.01
C GLY D 157 42.79 20.87 0.38
N ALA D 158 41.97 20.46 -0.59
CA ALA D 158 40.96 19.43 -0.35
C ALA D 158 41.66 18.12 -0.04
N THR D 159 41.11 17.31 0.86
CA THR D 159 41.72 16.03 1.16
C THR D 159 41.25 14.99 0.14
N GLY D 160 40.61 15.44 -0.92
CA GLY D 160 40.13 14.53 -1.94
C GLY D 160 39.23 15.18 -2.96
N TYR D 161 39.24 14.64 -4.17
CA TYR D 161 38.39 15.14 -5.25
C TYR D 161 37.65 13.99 -5.89
N TYR D 162 36.33 14.10 -5.94
CA TYR D 162 35.49 13.06 -6.52
C TYR D 162 34.48 13.61 -7.49
N GLU D 163 34.10 12.81 -8.48
CA GLU D 163 33.08 13.18 -9.45
C GLU D 163 31.94 12.18 -9.33
N CYS D 164 30.72 12.64 -9.55
CA CYS D 164 29.56 11.78 -9.42
C CYS D 164 28.41 12.33 -10.23
N SER D 165 27.36 11.53 -10.34
CA SER D 165 26.12 11.90 -11.03
C SER D 165 24.96 11.30 -10.24
N ALA D 166 24.21 12.17 -9.54
CA ALA D 166 23.08 11.69 -8.76
C ALA D 166 22.08 11.11 -9.75
N LYS D 167 22.05 11.67 -10.96
CA LYS D 167 21.12 11.19 -11.97
C LYS D 167 21.29 9.71 -12.30
N THR D 168 22.53 9.23 -12.43
CA THR D 168 22.77 7.82 -12.72
C THR D 168 23.26 7.07 -11.51
N GLY D 169 23.67 7.79 -10.46
CA GLY D 169 24.17 7.14 -9.26
C GLY D 169 25.68 6.93 -9.29
N TYR D 170 26.26 7.13 -10.46
CA TYR D 170 27.70 6.95 -10.64
C TYR D 170 28.58 7.74 -9.66
N GLY D 171 29.49 7.03 -8.99
CA GLY D 171 30.41 7.63 -8.05
C GLY D 171 29.85 8.19 -6.75
N VAL D 172 28.54 8.10 -6.59
CA VAL D 172 27.89 8.61 -5.39
C VAL D 172 28.36 7.90 -4.12
N ARG D 173 28.43 6.58 -4.17
CA ARG D 173 28.87 5.81 -3.00
C ARG D 173 30.27 6.24 -2.57
N GLU D 174 31.17 6.30 -3.54
CA GLU D 174 32.57 6.68 -3.31
C GLU D 174 32.68 7.99 -2.54
N VAL D 175 31.88 8.98 -2.94
CA VAL D 175 31.88 10.28 -2.31
C VAL D 175 31.60 10.14 -0.83
N PHE D 176 30.61 9.33 -0.47
CA PHE D 176 30.32 9.19 0.95
C PHE D 176 31.27 8.30 1.74
N GLU D 177 31.90 7.34 1.08
CA GLU D 177 32.86 6.49 1.78
C GLU D 177 34.02 7.42 2.13
N ALA D 178 34.43 8.22 1.14
CA ALA D 178 35.54 9.14 1.35
C ALA D 178 35.21 10.17 2.41
N ALA D 179 34.00 10.72 2.34
CA ALA D 179 33.57 11.71 3.32
C ALA D 179 33.52 11.07 4.72
N THR D 180 32.96 9.86 4.80
CA THR D 180 32.89 9.19 6.07
C THR D 180 34.29 8.90 6.59
N ARG D 181 35.17 8.43 5.73
CA ARG D 181 36.53 8.16 6.17
C ARG D 181 37.18 9.44 6.64
N ALA D 182 37.01 10.52 5.89
CA ALA D 182 37.60 11.80 6.26
C ALA D 182 37.07 12.25 7.61
N SER D 183 35.78 12.01 7.85
CA SER D 183 35.16 12.42 9.11
C SER D 183 35.75 11.70 10.32
N LEU D 184 36.40 10.56 10.10
CA LEU D 184 36.99 9.82 11.21
C LEU D 184 38.41 10.28 11.54
N MET D 185 39.04 11.05 10.66
CA MET D 185 40.39 11.52 10.93
C MET D 185 40.32 12.84 11.67
N SER E 75 -25.18 -17.11 -8.05
CA SER E 75 -25.50 -17.40 -6.62
C SER E 75 -26.99 -17.22 -6.33
N ASN E 76 -27.45 -17.73 -5.20
CA ASN E 76 -28.86 -17.63 -4.81
C ASN E 76 -29.40 -16.21 -4.86
N PHE E 77 -28.88 -15.32 -4.03
CA PHE E 77 -29.36 -13.94 -4.00
C PHE E 77 -29.44 -13.28 -5.38
N LEU E 78 -28.46 -13.55 -6.23
CA LEU E 78 -28.44 -12.99 -7.58
C LEU E 78 -29.54 -13.61 -8.41
N ALA E 79 -29.71 -14.93 -8.26
CA ALA E 79 -30.74 -15.66 -8.99
C ALA E 79 -32.13 -15.16 -8.60
N GLU E 80 -32.34 -14.93 -7.30
CA GLU E 80 -33.62 -14.44 -6.81
C GLU E 80 -33.91 -13.11 -7.48
N GLN E 81 -32.90 -12.25 -7.48
CA GLN E 81 -33.03 -10.93 -8.07
C GLN E 81 -33.28 -10.99 -9.56
N TYR E 82 -32.70 -11.97 -10.23
CA TYR E 82 -32.89 -12.11 -11.66
C TYR E 82 -34.36 -12.43 -11.91
N GLU E 83 -34.86 -13.45 -11.21
CA GLU E 83 -36.26 -13.86 -11.36
C GLU E 83 -37.17 -12.69 -11.04
N ARG E 84 -36.88 -12.00 -9.95
CA ARG E 84 -37.67 -10.85 -9.54
C ARG E 84 -37.67 -9.83 -10.67
N ASP E 85 -36.47 -9.50 -11.15
CA ASP E 85 -36.29 -8.55 -12.24
C ASP E 85 -37.07 -9.00 -13.47
N ARG E 86 -36.86 -10.26 -13.87
CA ARG E 86 -37.54 -10.81 -15.04
C ARG E 86 -39.05 -10.58 -15.02
N LYS E 87 -39.73 -11.17 -14.04
CA LYS E 87 -41.18 -11.02 -13.91
C LYS E 87 -41.58 -9.56 -14.09
N ALA E 88 -40.88 -8.68 -13.38
CA ALA E 88 -41.16 -7.26 -13.45
C ALA E 88 -41.01 -6.71 -14.87
N ILE E 89 -39.84 -6.94 -15.46
CA ILE E 89 -39.57 -6.46 -16.81
C ILE E 89 -40.60 -6.97 -17.79
N ILE E 90 -40.90 -8.26 -17.70
CA ILE E 90 -41.88 -8.90 -18.57
C ILE E 90 -43.25 -8.23 -18.47
N ASN E 91 -43.76 -8.10 -17.25
CA ASN E 91 -45.08 -7.52 -17.03
C ASN E 91 -45.30 -6.05 -17.36
N CYS E 92 -44.22 -5.30 -17.55
CA CYS E 92 -44.37 -3.88 -17.83
C CYS E 92 -43.93 -3.45 -19.23
N CYS E 93 -43.20 -4.30 -19.94
CA CYS E 93 -42.75 -3.92 -21.27
C CYS E 93 -42.82 -5.00 -22.36
N PHE E 94 -43.19 -6.21 -21.97
CA PHE E 94 -43.30 -7.30 -22.94
C PHE E 94 -44.48 -8.17 -22.56
N SER E 95 -45.58 -7.51 -22.18
CA SER E 95 -46.79 -8.20 -21.75
C SER E 95 -48.01 -7.33 -22.00
N PRO E 104 -48.51 -5.96 -31.04
CA PRO E 104 -48.12 -6.74 -29.85
C PRO E 104 -46.70 -6.45 -29.36
N PRO E 105 -46.40 -6.87 -28.11
CA PRO E 105 -45.09 -6.66 -27.49
C PRO E 105 -44.02 -7.67 -27.92
N ASN E 106 -42.75 -7.27 -27.83
CA ASN E 106 -41.66 -8.17 -28.20
C ASN E 106 -41.56 -9.21 -27.10
N ASN E 107 -40.75 -10.23 -27.33
CA ASN E 107 -40.59 -11.26 -26.31
C ASN E 107 -39.27 -11.16 -25.57
N TYR E 108 -39.38 -11.05 -24.25
CA TYR E 108 -38.24 -10.95 -23.36
C TYR E 108 -37.31 -12.14 -23.59
N ILE E 109 -36.01 -11.86 -23.61
CA ILE E 109 -35.00 -12.91 -23.82
C ILE E 109 -34.12 -13.00 -22.56
N THR E 110 -33.52 -11.88 -22.19
CA THR E 110 -32.64 -11.79 -21.02
C THR E 110 -32.36 -10.33 -20.69
N HIS E 111 -31.70 -10.10 -19.56
CA HIS E 111 -31.35 -8.75 -19.13
C HIS E 111 -30.22 -8.81 -18.12
N VAL E 112 -29.70 -7.63 -17.78
CA VAL E 112 -28.64 -7.48 -16.77
C VAL E 112 -28.60 -6.05 -16.33
N ARG E 113 -28.33 -5.84 -15.06
CA ARG E 113 -28.26 -4.50 -14.52
C ARG E 113 -26.84 -3.99 -14.71
N ILE E 114 -26.72 -2.71 -15.04
CA ILE E 114 -25.41 -2.10 -15.24
C ILE E 114 -25.26 -0.71 -14.63
N ILE E 115 -24.02 -0.30 -14.49
CA ILE E 115 -23.67 0.99 -13.93
C ILE E 115 -22.97 1.79 -15.02
N GLU E 116 -23.61 2.89 -15.42
CA GLU E 116 -23.09 3.77 -16.46
C GLU E 116 -22.52 5.03 -15.83
N ASP E 117 -21.39 5.51 -16.37
CA ASP E 117 -20.80 6.75 -15.85
C ASP E 117 -21.06 7.86 -16.86
N SER E 118 -21.76 8.91 -16.43
CA SER E 118 -22.10 10.02 -17.30
C SER E 118 -20.87 10.79 -17.78
N LYS E 119 -19.83 10.82 -16.96
CA LYS E 119 -18.58 11.50 -17.25
C LYS E 119 -17.70 10.68 -18.19
N PHE E 120 -17.73 9.36 -18.05
CA PHE E 120 -16.93 8.46 -18.90
C PHE E 120 -17.83 7.37 -19.48
N PRO E 121 -18.82 7.74 -20.33
CA PRO E 121 -19.72 6.74 -20.93
C PRO E 121 -19.13 5.88 -22.03
N SER E 122 -17.90 6.18 -22.45
CA SER E 122 -17.26 5.42 -23.52
C SER E 122 -15.88 4.87 -23.19
N SER E 123 -15.49 4.93 -21.92
CA SER E 123 -14.18 4.42 -21.53
C SER E 123 -14.16 4.17 -20.04
N ARG E 124 -13.23 3.31 -19.61
CA ARG E 124 -13.11 3.00 -18.20
C ARG E 124 -12.95 4.27 -17.39
N PRO E 125 -13.88 4.55 -16.47
CA PRO E 125 -13.75 5.77 -15.67
C PRO E 125 -12.64 5.61 -14.63
N PRO E 126 -11.97 6.71 -14.27
CA PRO E 126 -10.89 6.68 -13.28
C PRO E 126 -11.46 6.42 -11.89
N PRO E 127 -10.67 5.76 -11.02
CA PRO E 127 -11.08 5.44 -9.65
C PRO E 127 -11.59 6.62 -8.80
N ASP E 128 -11.54 7.83 -9.35
CA ASP E 128 -11.99 9.01 -8.62
C ASP E 128 -13.33 9.61 -9.08
N SER E 129 -13.97 9.02 -10.09
CA SER E 129 -15.24 9.57 -10.56
C SER E 129 -16.30 9.45 -9.45
N LYS E 130 -16.82 10.60 -9.03
CA LYS E 130 -17.82 10.68 -7.97
C LYS E 130 -19.10 9.91 -8.27
N LEU E 131 -19.66 9.30 -7.22
CA LEU E 131 -20.89 8.54 -7.33
C LEU E 131 -21.98 9.29 -8.07
N GLU E 132 -21.96 10.62 -8.01
CA GLU E 132 -22.96 11.42 -8.68
C GLU E 132 -22.90 11.20 -10.19
N ASN E 133 -21.75 10.71 -10.64
CA ASN E 133 -21.50 10.42 -12.06
C ASN E 133 -22.23 9.16 -12.51
N LYS E 134 -22.25 8.17 -11.63
CA LYS E 134 -22.86 6.86 -11.88
C LYS E 134 -24.38 6.85 -12.07
N LYS E 135 -24.81 6.07 -13.07
CA LYS E 135 -26.21 5.91 -13.42
C LYS E 135 -26.55 4.42 -13.32
N LYS E 136 -27.63 4.10 -12.62
CA LYS E 136 -28.05 2.72 -12.46
C LYS E 136 -29.07 2.38 -13.57
N ARG E 137 -28.67 1.50 -14.49
CA ARG E 137 -29.56 1.11 -15.58
C ARG E 137 -29.46 -0.37 -15.91
N LEU E 138 -30.23 -0.79 -16.92
CA LEU E 138 -30.21 -2.18 -17.34
C LEU E 138 -30.14 -2.27 -18.85
N LEU E 139 -29.80 -3.46 -19.31
CA LEU E 139 -29.74 -3.77 -20.74
C LEU E 139 -30.72 -4.92 -20.89
N ILE E 140 -31.65 -4.78 -21.82
CA ILE E 140 -32.66 -5.81 -22.05
C ILE E 140 -32.57 -6.37 -23.47
N LEU E 141 -32.62 -7.69 -23.60
CA LEU E 141 -32.56 -8.33 -24.90
C LEU E 141 -33.94 -8.90 -25.24
N SER E 142 -34.45 -8.55 -26.42
CA SER E 142 -35.76 -9.05 -26.83
C SER E 142 -35.84 -9.25 -28.35
N ALA E 143 -36.86 -10.00 -28.77
CA ALA E 143 -37.06 -10.27 -30.18
C ALA E 143 -38.44 -9.77 -30.59
N LYS E 144 -38.57 -9.36 -31.86
CA LYS E 144 -39.84 -8.86 -32.38
C LYS E 144 -40.83 -10.03 -32.37
N PRO E 145 -42.13 -9.75 -32.16
CA PRO E 145 -43.17 -10.79 -32.11
C PRO E 145 -43.15 -11.76 -33.29
N ASN E 146 -43.06 -11.21 -34.50
CA ASN E 146 -43.06 -12.02 -35.72
C ASN E 146 -41.76 -12.80 -35.95
N ASN E 147 -40.65 -12.09 -36.16
CA ASN E 147 -39.37 -12.75 -36.41
C ASN E 147 -38.52 -12.90 -35.15
N ALA E 148 -38.11 -14.13 -34.89
CA ALA E 148 -37.29 -14.45 -33.72
C ALA E 148 -35.81 -14.16 -33.99
N LYS E 149 -35.50 -13.71 -35.21
CA LYS E 149 -34.13 -13.39 -35.56
C LYS E 149 -33.92 -11.88 -35.56
N LEU E 150 -34.98 -11.16 -35.19
CA LEU E 150 -34.93 -9.71 -35.10
C LEU E 150 -34.75 -9.33 -33.62
N ILE E 151 -33.53 -9.50 -33.13
CA ILE E 151 -33.20 -9.19 -31.75
C ILE E 151 -32.78 -7.73 -31.61
N GLN E 152 -33.13 -7.15 -30.47
CA GLN E 152 -32.81 -5.76 -30.18
C GLN E 152 -32.36 -5.60 -28.72
N ILE E 153 -31.48 -4.63 -28.51
CA ILE E 153 -30.95 -4.33 -27.19
C ILE E 153 -31.58 -3.07 -26.65
N HIS E 154 -32.04 -3.12 -25.40
CA HIS E 154 -32.67 -1.97 -24.79
C HIS E 154 -31.97 -1.49 -23.53
N LYS E 155 -31.85 -0.17 -23.38
CA LYS E 155 -31.23 0.44 -22.22
C LYS E 155 -32.40 0.97 -21.39
N ALA E 156 -32.60 0.40 -20.19
CA ALA E 156 -33.71 0.82 -19.34
C ALA E 156 -33.32 1.42 -18.00
N ARG E 157 -34.27 2.16 -17.44
CA ARG E 157 -34.10 2.79 -16.14
C ARG E 157 -35.28 2.31 -15.28
N GLU E 158 -34.98 1.83 -14.08
CA GLU E 158 -36.03 1.37 -13.19
C GLU E 158 -36.53 2.56 -12.38
N ASN E 159 -37.83 2.82 -12.43
CA ASN E 159 -38.40 3.93 -11.67
C ASN E 159 -39.09 3.40 -10.42
N SER E 160 -39.64 4.30 -9.61
CA SER E 160 -40.35 3.90 -8.40
C SER E 160 -41.39 2.86 -8.78
N ASP E 161 -42.12 2.34 -7.80
CA ASP E 161 -43.16 1.34 -8.04
C ASP E 161 -42.65 0.04 -8.66
N GLY E 162 -41.35 -0.02 -8.94
CA GLY E 162 -40.76 -1.22 -9.52
C GLY E 162 -40.90 -1.41 -11.02
N SER E 163 -41.42 -0.39 -11.71
CA SER E 163 -41.61 -0.46 -13.15
C SER E 163 -40.35 0.03 -13.89
N PHE E 164 -40.27 -0.25 -15.19
CA PHE E 164 -39.11 0.17 -15.98
C PHE E 164 -39.50 1.07 -17.15
N GLN E 165 -38.60 1.99 -17.49
CA GLN E 165 -38.81 2.91 -18.60
C GLN E 165 -37.72 2.69 -19.66
N ILE E 166 -38.15 2.19 -20.81
CA ILE E 166 -37.25 1.91 -21.91
C ILE E 166 -36.74 3.16 -22.61
N GLY E 167 -35.42 3.27 -22.74
CA GLY E 167 -34.82 4.41 -23.40
C GLY E 167 -34.35 4.09 -24.81
N ARG E 168 -33.07 4.35 -25.09
CA ARG E 168 -32.49 4.09 -26.39
C ARG E 168 -32.54 2.60 -26.77
N THR E 169 -32.65 2.32 -28.06
CA THR E 169 -32.72 0.96 -28.56
C THR E 169 -31.71 0.71 -29.68
N TRP E 170 -31.20 -0.52 -29.73
CA TRP E 170 -30.24 -0.94 -30.75
C TRP E 170 -30.73 -2.22 -31.43
N GLN E 171 -30.16 -2.50 -32.61
CA GLN E 171 -30.48 -3.72 -33.34
C GLN E 171 -29.24 -4.59 -33.19
N LEU E 172 -29.43 -5.83 -32.75
CA LEU E 172 -28.31 -6.75 -32.54
C LEU E 172 -27.27 -6.64 -33.66
N THR E 173 -27.77 -6.40 -34.87
CA THR E 173 -26.92 -6.26 -36.04
C THR E 173 -25.80 -5.24 -35.82
N GLU E 174 -26.14 -4.16 -35.11
CA GLU E 174 -25.18 -3.10 -34.85
C GLU E 174 -23.95 -3.53 -34.07
N LEU E 175 -24.11 -4.55 -33.23
CA LEU E 175 -22.98 -5.01 -32.43
C LEU E 175 -21.82 -5.40 -33.32
N VAL E 176 -20.73 -4.65 -33.20
CA VAL E 176 -19.54 -4.89 -34.00
C VAL E 176 -18.38 -5.39 -33.14
N ARG E 177 -18.38 -4.99 -31.87
CA ARG E 177 -17.31 -5.40 -30.96
C ARG E 177 -17.75 -5.53 -29.50
N VAL E 178 -17.10 -6.44 -28.79
CA VAL E 178 -17.36 -6.69 -27.38
C VAL E 178 -16.01 -6.92 -26.71
N GLU E 179 -15.63 -5.99 -25.84
CA GLU E 179 -14.34 -6.10 -25.18
C GLU E 179 -14.40 -6.22 -23.66
N LYS E 180 -13.53 -7.06 -23.14
CA LYS E 180 -13.43 -7.29 -21.70
C LYS E 180 -12.40 -6.33 -21.10
N ASP E 181 -12.76 -5.68 -20.00
CA ASP E 181 -11.84 -4.76 -19.33
C ASP E 181 -10.92 -5.65 -18.49
N LEU E 182 -9.62 -5.53 -18.70
CA LEU E 182 -8.68 -6.37 -17.98
C LEU E 182 -8.36 -5.97 -16.53
N GLU E 183 -8.83 -4.81 -16.09
CA GLU E 183 -8.56 -4.38 -14.72
C GLU E 183 -9.81 -4.53 -13.83
N ILE E 184 -10.96 -4.11 -14.35
CA ILE E 184 -12.22 -4.19 -13.61
C ILE E 184 -12.99 -5.46 -13.98
N SER E 185 -13.14 -6.36 -13.00
CA SER E 185 -13.83 -7.63 -13.21
C SER E 185 -15.29 -7.49 -13.64
N GLU E 186 -15.81 -6.26 -13.60
CA GLU E 186 -17.19 -6.02 -13.96
C GLU E 186 -17.33 -5.13 -15.19
N GLY E 187 -16.21 -4.66 -15.71
CA GLY E 187 -16.26 -3.78 -16.86
C GLY E 187 -16.17 -4.46 -18.21
N PHE E 188 -16.79 -3.83 -19.21
CA PHE E 188 -16.78 -4.35 -20.56
C PHE E 188 -17.21 -3.24 -21.52
N ILE E 189 -16.84 -3.40 -22.79
CA ILE E 189 -17.16 -2.41 -23.80
C ILE E 189 -17.91 -3.00 -24.98
N LEU E 190 -19.04 -2.39 -25.31
CA LEU E 190 -19.84 -2.83 -26.44
C LEU E 190 -19.74 -1.73 -27.49
N THR E 191 -19.59 -2.11 -28.75
CA THR E 191 -19.46 -1.14 -29.83
C THR E 191 -20.52 -1.29 -30.92
N SER E 193 -22.86 1.97 -32.92
CA SER E 193 -22.64 3.22 -33.65
C SER E 193 -21.45 3.90 -32.96
N LYS E 194 -21.51 3.90 -31.63
CA LYS E 194 -20.47 4.49 -30.79
C LYS E 194 -19.90 3.42 -29.88
N LYS E 195 -18.96 3.81 -29.03
CA LYS E 195 -18.35 2.88 -28.09
C LYS E 195 -19.03 3.12 -26.74
N TYR E 196 -19.40 2.04 -26.03
CA TYR E 196 -20.06 2.17 -24.73
C TYR E 196 -19.38 1.34 -23.65
N TYR E 197 -18.97 1.99 -22.57
CA TYR E 197 -18.35 1.29 -21.46
C TYR E 197 -19.37 1.22 -20.34
N TRP E 198 -19.58 0.01 -19.84
CA TRP E 198 -20.51 -0.25 -18.76
C TRP E 198 -19.91 -1.27 -17.83
N GLU E 199 -20.45 -1.32 -16.62
CA GLU E 199 -19.99 -2.27 -15.63
C GLU E 199 -21.20 -3.00 -15.08
N THR E 200 -21.00 -4.29 -14.81
CA THR E 200 -22.06 -5.10 -14.25
C THR E 200 -21.91 -4.87 -12.75
N ASN E 201 -22.92 -5.21 -11.96
CA ASN E 201 -22.81 -5.00 -10.52
C ASN E 201 -21.82 -5.99 -9.91
N SER E 202 -21.76 -7.20 -10.44
CA SER E 202 -20.85 -8.21 -9.92
C SER E 202 -20.08 -8.91 -11.02
N ALA E 203 -18.89 -9.39 -10.67
CA ALA E 203 -18.02 -10.08 -11.62
C ALA E 203 -18.75 -11.20 -12.36
N LYS E 204 -19.44 -12.05 -11.60
CA LYS E 204 -20.16 -13.15 -12.20
C LYS E 204 -21.29 -12.71 -13.12
N GLU E 205 -21.92 -11.57 -12.83
CA GLU E 205 -22.99 -11.08 -13.68
C GLU E 205 -22.50 -10.71 -15.09
N ARG E 206 -21.26 -10.24 -15.19
CA ARG E 206 -20.72 -9.87 -16.50
C ARG E 206 -20.52 -11.10 -17.35
N THR E 207 -19.74 -12.04 -16.84
CA THR E 207 -19.47 -13.26 -17.55
C THR E 207 -20.76 -13.99 -17.98
N VAL E 208 -21.81 -13.89 -17.16
CA VAL E 208 -23.07 -14.53 -17.51
C VAL E 208 -23.76 -13.81 -18.65
N PHE E 209 -23.82 -12.48 -18.57
CA PHE E 209 -24.45 -11.70 -19.62
C PHE E 209 -23.74 -11.77 -20.96
N ILE E 210 -22.42 -11.59 -20.95
CA ILE E 210 -21.67 -11.63 -22.22
C ILE E 210 -21.79 -13.00 -22.89
N LYS E 211 -21.77 -14.08 -22.11
CA LYS E 211 -21.91 -15.39 -22.71
C LYS E 211 -23.30 -15.42 -23.34
N SER E 212 -24.28 -14.87 -22.62
CA SER E 212 -25.65 -14.82 -23.09
C SER E 212 -25.76 -14.02 -24.40
N LEU E 213 -25.04 -12.91 -24.49
CA LEU E 213 -25.10 -12.07 -25.68
C LEU E 213 -24.43 -12.70 -26.90
N ILE E 214 -23.18 -13.11 -26.74
CA ILE E 214 -22.42 -13.73 -27.83
C ILE E 214 -23.14 -14.97 -28.36
N THR E 215 -23.58 -15.84 -27.46
CA THR E 215 -24.28 -17.05 -27.88
C THR E 215 -25.53 -16.71 -28.66
N LEU E 216 -26.25 -15.67 -28.25
CA LEU E 216 -27.45 -15.26 -28.96
C LEU E 216 -27.06 -14.78 -30.35
N TYR E 217 -26.05 -13.92 -30.43
CA TYR E 217 -25.56 -13.41 -31.70
C TYR E 217 -25.28 -14.60 -32.62
N ILE E 218 -24.48 -15.54 -32.13
CA ILE E 218 -24.12 -16.72 -32.89
C ILE E 218 -25.34 -17.44 -33.43
N GLN E 219 -26.32 -17.67 -32.56
CA GLN E 219 -27.54 -18.37 -32.96
C GLN E 219 -28.37 -17.66 -34.02
N THR E 220 -28.41 -16.33 -34.00
CA THR E 220 -29.23 -15.63 -34.98
C THR E 220 -28.51 -15.16 -36.25
N PHE E 221 -27.19 -15.22 -36.26
CA PHE E 221 -26.42 -14.78 -37.43
C PHE E 221 -25.52 -15.86 -38.00
N GLU E 222 -26.14 -16.99 -38.33
CA GLU E 222 -25.46 -18.15 -38.91
C GLU E 222 -24.05 -18.41 -38.39
N GLY E 223 -23.93 -18.58 -37.08
CA GLY E 223 -22.63 -18.84 -36.49
C GLY E 223 -21.59 -17.74 -36.52
N HIS E 224 -21.97 -16.52 -36.91
CA HIS E 224 -21.05 -15.39 -36.95
C HIS E 224 -20.87 -14.79 -35.56
N VAL E 225 -19.89 -13.91 -35.40
CA VAL E 225 -19.64 -13.28 -34.10
C VAL E 225 -18.85 -11.98 -34.27
N PRO E 226 -19.16 -10.95 -33.46
CA PRO E 226 -18.44 -9.66 -33.55
C PRO E 226 -16.99 -9.85 -33.11
N GLU E 227 -16.20 -8.78 -33.08
CA GLU E 227 -14.82 -8.96 -32.65
C GLU E 227 -14.75 -9.06 -31.14
N LEU E 228 -14.12 -10.13 -30.68
CA LEU E 228 -13.95 -10.37 -29.25
C LEU E 228 -12.58 -9.90 -28.83
N VAL E 229 -12.51 -9.16 -27.73
CA VAL E 229 -11.24 -8.65 -27.25
C VAL E 229 -11.00 -8.98 -25.78
N ASN E 230 -9.90 -9.69 -25.53
CA ASN E 230 -9.50 -10.09 -24.17
C ASN E 230 -10.34 -11.18 -23.54
N TRP E 231 -11.17 -11.83 -24.34
CA TRP E 231 -12.05 -12.90 -23.87
C TRP E 231 -11.39 -14.27 -24.03
N ASP E 232 -11.66 -15.17 -23.08
CA ASP E 232 -11.13 -16.52 -23.19
C ASP E 232 -12.17 -17.17 -24.10
N LEU E 233 -11.82 -17.36 -25.36
CA LEU E 233 -12.74 -17.92 -26.34
C LEU E 233 -13.54 -19.12 -25.86
N SER E 234 -12.96 -19.95 -25.00
CA SER E 234 -13.66 -21.13 -24.51
C SER E 234 -14.95 -20.77 -23.76
N LEU E 235 -15.10 -19.50 -23.42
CA LEU E 235 -16.29 -19.03 -22.72
C LEU E 235 -17.51 -19.17 -23.61
N PHE E 236 -17.29 -18.99 -24.91
CA PHE E 236 -18.36 -19.07 -25.89
C PHE E 236 -18.30 -20.36 -26.72
N TYR E 237 -17.65 -21.36 -26.14
CA TYR E 237 -17.50 -22.65 -26.78
C TYR E 237 -16.99 -22.56 -28.21
N LEU E 238 -15.77 -22.03 -28.31
CA LEU E 238 -15.09 -21.89 -29.58
C LEU E 238 -13.62 -21.61 -29.29
N ASP E 239 -12.82 -21.40 -30.32
CA ASP E 239 -11.40 -21.14 -30.13
C ASP E 239 -10.82 -20.36 -31.29
N GLU E 240 -9.49 -20.22 -31.31
CA GLU E 240 -8.80 -19.47 -32.36
C GLU E 240 -9.38 -19.72 -33.74
N ARG E 241 -9.36 -20.98 -34.16
CA ARG E 241 -9.86 -21.40 -35.46
C ARG E 241 -11.31 -20.95 -35.68
N SER E 242 -12.20 -21.47 -34.84
CA SER E 242 -13.63 -21.16 -34.89
C SER E 242 -13.82 -19.66 -35.06
N TYR E 243 -13.28 -18.93 -34.09
CA TYR E 243 -13.34 -17.47 -34.03
C TYR E 243 -12.94 -16.83 -35.35
N GLN E 244 -11.73 -17.14 -35.81
CA GLN E 244 -11.21 -16.60 -37.06
C GLN E 244 -12.22 -16.69 -38.20
N ARG E 245 -12.82 -17.87 -38.34
CA ARG E 245 -13.80 -18.11 -39.39
C ARG E 245 -15.09 -17.31 -39.23
N ALA E 246 -15.57 -17.21 -38.00
CA ALA E 246 -16.82 -16.51 -37.68
C ALA E 246 -16.81 -14.99 -37.72
N VAL E 247 -15.75 -14.39 -37.18
CA VAL E 247 -15.62 -12.94 -37.11
C VAL E 247 -16.14 -12.18 -38.33
N ILE E 248 -17.00 -11.19 -38.08
CA ILE E 248 -17.56 -10.40 -39.17
C ILE E 248 -16.53 -9.40 -39.68
N ASN F 7 -30.06 26.58 3.16
CA ASN F 7 -29.42 27.70 3.91
C ASN F 7 -28.86 27.25 5.25
N SER F 8 -29.20 26.02 5.65
CA SER F 8 -28.75 25.46 6.92
C SER F 8 -27.52 24.56 6.79
N ILE F 9 -27.12 23.97 7.91
CA ILE F 9 -25.95 23.10 7.99
C ILE F 9 -26.10 21.84 7.11
N ARG F 10 -25.05 21.49 6.37
CA ARG F 10 -25.09 20.30 5.54
C ARG F 10 -24.13 19.26 6.10
N ARG F 11 -24.69 18.10 6.47
CA ARG F 11 -23.90 17.02 7.04
C ARG F 11 -24.12 15.72 6.26
N LYS F 12 -23.10 14.87 6.20
CA LYS F 12 -23.18 13.61 5.47
C LYS F 12 -23.18 12.38 6.38
N LEU F 13 -24.18 11.53 6.19
CA LEU F 13 -24.30 10.30 6.95
C LEU F 13 -24.13 9.09 6.03
N VAL F 14 -23.29 8.15 6.44
CA VAL F 14 -23.04 6.93 5.69
C VAL F 14 -23.61 5.77 6.52
N ILE F 15 -24.36 4.87 5.88
CA ILE F 15 -24.92 3.73 6.62
C ILE F 15 -24.49 2.42 5.97
N VAL F 16 -23.95 1.51 6.77
CA VAL F 16 -23.49 0.25 6.24
C VAL F 16 -23.82 -0.93 7.18
N GLY F 17 -23.60 -2.15 6.71
CA GLY F 17 -23.89 -3.32 7.52
C GLY F 17 -24.37 -4.48 6.66
N ASP F 18 -24.37 -5.69 7.23
CA ASP F 18 -24.79 -6.89 6.50
C ASP F 18 -26.03 -6.71 5.64
N GLY F 19 -26.07 -7.44 4.52
CA GLY F 19 -27.21 -7.33 3.64
C GLY F 19 -28.48 -7.74 4.34
N ALA F 20 -29.53 -6.96 4.14
CA ALA F 20 -30.85 -7.21 4.71
C ALA F 20 -30.96 -7.06 6.23
N CYS F 21 -30.01 -6.35 6.85
CA CYS F 21 -30.08 -6.16 8.29
C CYS F 21 -31.08 -5.04 8.64
N GLY F 22 -31.60 -4.37 7.63
CA GLY F 22 -32.58 -3.30 7.86
C GLY F 22 -32.20 -1.87 7.53
N LYS F 23 -31.02 -1.67 6.95
CA LYS F 23 -30.54 -0.33 6.62
C LYS F 23 -31.50 0.59 5.87
N THR F 24 -31.97 0.14 4.71
CA THR F 24 -32.88 0.94 3.90
C THR F 24 -34.21 1.25 4.60
N CYS F 25 -34.80 0.24 5.23
CA CYS F 25 -36.07 0.46 5.92
C CYS F 25 -35.91 1.49 7.02
N LEU F 26 -34.73 1.50 7.65
CA LEU F 26 -34.47 2.47 8.71
C LEU F 26 -34.60 3.87 8.11
N LEU F 27 -33.99 4.06 6.94
CA LEU F 27 -34.05 5.36 6.26
C LEU F 27 -35.47 5.71 5.81
N ILE F 28 -36.16 4.73 5.22
CA ILE F 28 -37.53 4.94 4.74
C ILE F 28 -38.44 5.42 5.85
N VAL F 29 -38.61 4.56 6.86
CA VAL F 29 -39.48 4.86 7.98
C VAL F 29 -39.17 6.19 8.62
N ASN F 30 -37.88 6.48 8.81
CA ASN F 30 -37.49 7.75 9.43
C ASN F 30 -37.93 8.96 8.62
N SER F 31 -37.41 9.05 7.40
CA SER F 31 -37.68 10.18 6.51
C SER F 31 -39.14 10.42 6.11
N LYS F 32 -40.02 9.45 6.38
CA LYS F 32 -41.42 9.62 6.04
C LYS F 32 -42.26 8.53 6.67
N GLY F 33 -42.30 7.36 6.03
CA GLY F 33 -43.07 6.25 6.56
C GLY F 33 -43.23 5.12 5.56
N GLN F 34 -44.25 4.29 5.78
CA GLN F 34 -44.57 3.14 4.92
C GLN F 34 -43.49 2.06 5.05
N PHE F 35 -43.70 1.10 5.95
CA PHE F 35 -42.73 0.04 6.14
C PHE F 35 -42.80 -0.99 5.01
N PRO F 36 -41.71 -1.12 4.22
CA PRO F 36 -41.64 -2.06 3.10
C PRO F 36 -41.48 -3.47 3.62
N GLU F 37 -42.34 -4.37 3.18
CA GLU F 37 -42.31 -5.78 3.58
C GLU F 37 -41.37 -6.61 2.69
N VAL F 38 -41.49 -6.43 1.38
CA VAL F 38 -40.68 -7.15 0.40
C VAL F 38 -39.26 -6.61 0.33
N TYR F 39 -38.29 -7.52 0.41
CA TYR F 39 -36.89 -7.17 0.38
C TYR F 39 -36.37 -6.81 -1.02
N VAL F 40 -35.76 -5.63 -1.13
CA VAL F 40 -35.20 -5.18 -2.39
C VAL F 40 -33.80 -4.68 -2.13
N PRO F 41 -32.80 -5.51 -2.40
CA PRO F 41 -31.37 -5.21 -2.22
C PRO F 41 -30.97 -3.86 -2.77
N THR F 42 -30.10 -3.17 -2.05
CA THR F 42 -29.65 -1.87 -2.48
C THR F 42 -28.26 -1.98 -3.08
N VAL F 43 -28.01 -1.24 -4.15
CA VAL F 43 -26.69 -1.23 -4.78
C VAL F 43 -26.05 0.00 -4.18
N PHE F 44 -26.75 1.13 -4.34
CA PHE F 44 -26.33 2.42 -3.76
C PHE F 44 -27.39 3.45 -4.09
N GLU F 45 -27.74 4.28 -3.10
CA GLU F 45 -28.74 5.32 -3.28
C GLU F 45 -28.59 6.43 -2.23
N ASN F 46 -28.71 7.68 -2.68
CA ASN F 46 -28.58 8.83 -1.80
C ASN F 46 -29.93 9.49 -1.55
N TYR F 47 -30.10 10.04 -0.35
CA TYR F 47 -31.33 10.73 0.03
C TYR F 47 -30.90 11.93 0.86
N VAL F 48 -31.81 12.88 1.03
CA VAL F 48 -31.52 14.06 1.83
C VAL F 48 -32.68 14.35 2.75
N ALA F 49 -32.40 14.34 4.05
CA ALA F 49 -33.43 14.61 5.04
C ALA F 49 -33.05 15.82 5.88
N ASP F 50 -34.04 16.68 6.15
CA ASP F 50 -33.80 17.86 6.96
C ASP F 50 -34.16 17.53 8.40
N VAL F 51 -33.15 17.22 9.21
CA VAL F 51 -33.35 16.87 10.61
C VAL F 51 -33.26 18.11 11.51
N GLU F 52 -33.94 18.04 12.65
CA GLU F 52 -33.97 19.14 13.60
C GLU F 52 -33.52 18.65 14.96
N VAL F 53 -32.35 19.09 15.42
CA VAL F 53 -31.85 18.68 16.73
C VAL F 53 -31.21 19.84 17.49
N ASP F 54 -31.68 20.04 18.72
CA ASP F 54 -31.18 21.11 19.59
C ASP F 54 -31.23 22.48 18.92
N GLY F 55 -32.33 22.76 18.24
CA GLY F 55 -32.50 24.05 17.57
C GLY F 55 -31.75 24.22 16.27
N ARG F 56 -30.80 23.32 16.01
CA ARG F 56 -29.98 23.37 14.81
C ARG F 56 -30.65 22.64 13.64
N ARG F 57 -30.91 23.35 12.54
CA ARG F 57 -31.52 22.73 11.36
C ARG F 57 -30.40 22.20 10.46
N VAL F 58 -30.45 20.90 10.15
CA VAL F 58 -29.42 20.26 9.34
C VAL F 58 -29.95 19.62 8.06
N GLU F 59 -29.22 19.80 6.95
CA GLU F 59 -29.60 19.19 5.69
C GLU F 59 -28.73 17.93 5.68
N LEU F 60 -29.30 16.86 6.20
CA LEU F 60 -28.62 15.58 6.33
C LEU F 60 -28.64 14.71 5.08
N ALA F 61 -27.47 14.55 4.46
CA ALA F 61 -27.35 13.73 3.27
C ALA F 61 -27.20 12.29 3.77
N LEU F 62 -28.05 11.41 3.26
CA LEU F 62 -28.04 9.99 3.63
C LEU F 62 -27.56 9.11 2.47
N TRP F 63 -26.37 8.55 2.62
CA TRP F 63 -25.79 7.68 1.59
C TRP F 63 -26.01 6.21 1.94
N ASP F 64 -27.04 5.61 1.35
CA ASP F 64 -27.38 4.22 1.58
C ASP F 64 -26.39 3.36 0.75
N THR F 65 -25.95 2.25 1.31
CA THR F 65 -25.00 1.37 0.63
C THR F 65 -25.52 -0.06 0.50
N ALA F 66 -24.70 -0.93 -0.09
CA ALA F 66 -25.09 -2.32 -0.29
C ALA F 66 -24.50 -3.22 0.80
N GLY F 67 -25.36 -4.09 1.34
CA GLY F 67 -24.94 -5.02 2.36
C GLY F 67 -24.57 -6.36 1.75
N GLN F 68 -25.15 -6.63 0.57
CA GLN F 68 -24.88 -7.87 -0.16
C GLN F 68 -23.43 -7.98 -0.60
N GLU F 69 -22.82 -9.14 -0.35
CA GLU F 69 -21.42 -9.36 -0.71
C GLU F 69 -21.16 -9.19 -2.21
N ASP F 70 -22.14 -9.54 -3.04
CA ASP F 70 -21.97 -9.42 -4.47
C ASP F 70 -21.91 -7.98 -5.01
N TYR F 71 -22.07 -6.99 -4.13
CA TYR F 71 -21.99 -5.59 -4.55
C TYR F 71 -20.89 -4.80 -3.86
N ASP F 72 -20.07 -5.47 -3.06
CA ASP F 72 -19.00 -4.81 -2.32
C ASP F 72 -18.29 -3.72 -3.09
N ARG F 73 -17.85 -4.04 -4.30
CA ARG F 73 -17.10 -3.10 -5.11
C ARG F 73 -17.43 -1.62 -5.01
N LEU F 74 -18.71 -1.24 -5.04
CA LEU F 74 -19.06 0.18 -5.00
C LEU F 74 -19.01 0.91 -3.65
N ARG F 75 -19.12 0.17 -2.55
CA ARG F 75 -19.13 0.80 -1.22
C ARG F 75 -18.08 1.89 -0.99
N PRO F 76 -16.80 1.59 -1.26
CA PRO F 76 -15.76 2.60 -1.04
C PRO F 76 -16.10 3.97 -1.62
N LEU F 77 -16.99 4.01 -2.61
CA LEU F 77 -17.37 5.28 -3.21
C LEU F 77 -18.31 6.13 -2.36
N SER F 78 -18.99 5.51 -1.39
CA SER F 78 -19.90 6.26 -0.53
C SER F 78 -19.25 6.82 0.74
N TYR F 79 -18.18 6.17 1.20
CA TYR F 79 -17.46 6.58 2.42
C TYR F 79 -16.85 7.99 2.51
N PRO F 80 -16.32 8.53 1.39
CA PRO F 80 -15.70 9.86 1.34
C PRO F 80 -15.84 10.85 2.49
N ASP F 81 -16.39 12.02 2.18
CA ASP F 81 -16.54 13.08 3.15
C ASP F 81 -17.73 12.92 4.10
N SER F 82 -17.69 11.85 4.89
CA SER F 82 -18.77 11.59 5.82
C SER F 82 -18.53 12.26 7.17
N ASN F 83 -19.61 12.69 7.79
CA ASN F 83 -19.54 13.36 9.10
C ASN F 83 -19.96 12.38 10.19
N VAL F 84 -20.56 11.27 9.78
CA VAL F 84 -21.00 10.25 10.71
C VAL F 84 -21.28 8.95 9.96
N VAL F 85 -20.92 7.84 10.59
CA VAL F 85 -21.13 6.53 10.02
C VAL F 85 -22.03 5.72 10.94
N LEU F 86 -22.99 5.02 10.36
CA LEU F 86 -23.88 4.16 11.13
C LEU F 86 -23.59 2.72 10.72
N ILE F 87 -23.09 1.91 11.64
CA ILE F 87 -22.84 0.52 11.33
C ILE F 87 -24.02 -0.23 11.93
N CYS F 88 -24.72 -0.98 11.10
CA CYS F 88 -25.88 -1.72 11.56
C CYS F 88 -25.66 -3.22 11.60
N PHE F 89 -26.54 -3.88 12.34
CA PHE F 89 -26.55 -5.33 12.45
C PHE F 89 -28.00 -5.64 12.77
N SER F 90 -28.38 -6.90 12.59
CA SER F 90 -29.75 -7.32 12.84
C SER F 90 -29.82 -8.08 14.16
N ILE F 91 -30.70 -7.65 15.05
CA ILE F 91 -30.82 -8.32 16.35
C ILE F 91 -31.23 -9.79 16.24
N ASP F 92 -31.90 -10.17 15.15
CA ASP F 92 -32.33 -11.55 14.97
C ASP F 92 -31.25 -12.41 14.30
N LEU F 93 -30.13 -11.77 13.94
CA LEU F 93 -29.00 -12.44 13.29
C LEU F 93 -27.68 -12.24 14.05
N PRO F 94 -27.45 -13.01 15.13
CA PRO F 94 -26.21 -12.85 15.89
C PRO F 94 -24.96 -12.77 15.01
N ASP F 95 -24.97 -13.51 13.90
CA ASP F 95 -23.83 -13.50 12.99
C ASP F 95 -23.54 -12.08 12.52
N SER F 96 -24.61 -11.31 12.26
CA SER F 96 -24.46 -9.94 11.78
C SER F 96 -23.70 -9.07 12.77
N LEU F 97 -23.84 -9.36 14.05
CA LEU F 97 -23.14 -8.58 15.05
C LEU F 97 -21.66 -9.00 15.04
N GLU F 98 -21.42 -10.28 14.73
CA GLU F 98 -20.07 -10.80 14.66
C GLU F 98 -19.33 -10.02 13.59
N ASN F 99 -19.94 -9.93 12.41
CA ASN F 99 -19.34 -9.21 11.29
C ASN F 99 -19.08 -7.74 11.56
N VAL F 100 -19.81 -7.17 12.51
CA VAL F 100 -19.60 -5.76 12.83
C VAL F 100 -18.14 -5.55 13.24
N GLN F 101 -17.61 -6.46 14.07
CA GLN F 101 -16.23 -6.32 14.49
C GLN F 101 -15.29 -7.22 13.71
N GLU F 102 -15.84 -8.13 12.93
CA GLU F 102 -15.01 -9.03 12.14
C GLU F 102 -14.96 -8.61 10.68
N LYS F 103 -15.38 -7.37 10.41
CA LYS F 103 -15.37 -6.87 9.03
C LYS F 103 -15.68 -5.38 8.91
N TRP F 104 -16.86 -4.99 9.34
CA TRP F 104 -17.31 -3.61 9.25
C TRP F 104 -16.45 -2.54 9.94
N ILE F 105 -16.09 -2.74 11.20
CA ILE F 105 -15.30 -1.73 11.88
C ILE F 105 -13.99 -1.50 11.12
N ALA F 106 -13.34 -2.59 10.70
CA ALA F 106 -12.09 -2.49 9.96
C ALA F 106 -12.28 -1.67 8.70
N GLU F 107 -13.34 -1.95 7.95
CA GLU F 107 -13.61 -1.22 6.72
C GLU F 107 -13.93 0.26 6.97
N VAL F 108 -14.76 0.53 7.97
CA VAL F 108 -15.11 1.91 8.29
C VAL F 108 -13.85 2.67 8.73
N LEU F 109 -13.04 2.03 9.57
CA LEU F 109 -11.82 2.68 10.05
C LEU F 109 -10.86 3.03 8.93
N HIS F 110 -10.84 2.24 7.88
CA HIS F 110 -9.95 2.48 6.76
C HIS F 110 -10.41 3.61 5.85
N PHE F 111 -11.71 3.67 5.55
CA PHE F 111 -12.22 4.72 4.67
C PHE F 111 -12.82 5.93 5.36
N CYS F 112 -12.91 5.90 6.69
CA CYS F 112 -13.49 7.03 7.41
C CYS F 112 -12.71 7.34 8.67
N GLN F 113 -11.39 7.33 8.57
CA GLN F 113 -10.53 7.62 9.71
C GLN F 113 -10.95 8.89 10.45
N GLY F 114 -11.22 8.74 11.74
CA GLY F 114 -11.59 9.87 12.57
C GLY F 114 -13.02 10.35 12.46
N VAL F 115 -13.94 9.50 12.04
CA VAL F 115 -15.35 9.90 11.93
C VAL F 115 -16.18 9.18 12.99
N PRO F 116 -17.08 9.91 13.66
CA PRO F 116 -17.94 9.33 14.70
C PRO F 116 -18.77 8.13 14.20
N ILE F 117 -18.81 7.07 15.00
CA ILE F 117 -19.59 5.89 14.63
C ILE F 117 -20.75 5.65 15.59
N ILE F 118 -21.87 5.19 15.05
CA ILE F 118 -23.05 4.90 15.86
C ILE F 118 -23.45 3.46 15.53
N LEU F 119 -23.33 2.56 16.49
CA LEU F 119 -23.72 1.17 16.26
C LEU F 119 -25.24 1.07 16.43
N VAL F 120 -25.90 0.54 15.41
CA VAL F 120 -27.36 0.43 15.42
C VAL F 120 -27.87 -1.00 15.33
N GLY F 121 -28.63 -1.42 16.34
CA GLY F 121 -29.21 -2.75 16.32
C GLY F 121 -30.58 -2.59 15.70
N CYS F 122 -30.83 -3.27 14.58
CA CYS F 122 -32.12 -3.15 13.91
C CYS F 122 -33.01 -4.35 14.18
N LYS F 123 -34.29 -4.18 13.87
CA LYS F 123 -35.27 -5.23 14.05
C LYS F 123 -35.43 -5.62 15.53
N VAL F 124 -35.38 -4.64 16.42
CA VAL F 124 -35.52 -4.91 17.84
C VAL F 124 -36.87 -5.60 18.09
N ASP F 125 -37.83 -5.39 17.20
CA ASP F 125 -39.15 -5.99 17.32
C ASP F 125 -39.10 -7.52 17.23
N LEU F 126 -37.96 -8.08 16.83
CA LEU F 126 -37.85 -9.51 16.73
C LEU F 126 -37.19 -10.15 17.94
N ARG F 127 -36.62 -9.32 18.83
CA ARG F 127 -35.95 -9.85 20.02
C ARG F 127 -36.79 -10.80 20.87
N ASN F 128 -38.08 -10.48 21.04
CA ASN F 128 -38.93 -11.33 21.85
C ASN F 128 -39.91 -12.15 21.01
N ASP F 129 -39.63 -12.23 19.71
CA ASP F 129 -40.48 -12.98 18.81
C ASP F 129 -40.24 -14.46 19.04
N PRO F 130 -41.24 -15.18 19.59
CA PRO F 130 -41.04 -16.60 19.84
C PRO F 130 -40.60 -17.39 18.61
N GLN F 131 -41.13 -17.05 17.43
CA GLN F 131 -40.75 -17.74 16.20
C GLN F 131 -39.27 -17.53 15.92
N THR F 132 -38.82 -16.29 15.98
CA THR F 132 -37.42 -16.01 15.71
C THR F 132 -36.55 -16.82 16.69
N ILE F 133 -36.92 -16.79 17.96
CA ILE F 133 -36.20 -17.52 19.01
C ILE F 133 -36.11 -19.02 18.72
N GLU F 134 -37.23 -19.64 18.37
CA GLU F 134 -37.28 -21.07 18.05
C GLU F 134 -36.37 -21.42 16.88
N GLN F 135 -36.45 -20.61 15.81
CA GLN F 135 -35.63 -20.84 14.64
C GLN F 135 -34.15 -20.75 14.97
N LEU F 136 -33.80 -19.77 15.79
CA LEU F 136 -32.42 -19.56 16.19
C LEU F 136 -31.89 -20.71 17.03
N ARG F 137 -32.78 -21.45 17.69
CA ARG F 137 -32.38 -22.61 18.50
C ARG F 137 -31.79 -23.68 17.60
N GLN F 138 -32.39 -23.86 16.42
CA GLN F 138 -31.91 -24.85 15.46
C GLN F 138 -30.44 -24.58 15.14
N GLU F 139 -30.11 -23.30 14.98
CA GLU F 139 -28.73 -22.94 14.69
C GLU F 139 -27.94 -22.76 15.99
N GLY F 140 -28.56 -23.21 17.08
CA GLY F 140 -27.92 -23.14 18.38
C GLY F 140 -27.56 -21.75 18.88
N GLN F 141 -28.46 -20.79 18.71
CA GLN F 141 -28.21 -19.43 19.20
C GLN F 141 -29.50 -18.68 19.51
N GLN F 142 -29.36 -17.42 19.90
CA GLN F 142 -30.53 -16.62 20.26
C GLN F 142 -30.36 -15.15 19.91
N PRO F 143 -31.46 -14.38 19.90
CA PRO F 143 -31.44 -12.96 19.58
C PRO F 143 -30.40 -12.18 20.35
N VAL F 144 -29.76 -11.23 19.66
CA VAL F 144 -28.72 -10.42 20.29
C VAL F 144 -29.34 -9.63 21.43
N THR F 145 -28.63 -9.54 22.54
CA THR F 145 -29.13 -8.81 23.70
C THR F 145 -28.50 -7.43 23.79
N SER F 146 -29.15 -6.53 24.51
CA SER F 146 -28.64 -5.18 24.69
C SER F 146 -27.21 -5.14 25.22
N GLN F 147 -26.90 -6.03 26.17
CA GLN F 147 -25.55 -6.06 26.74
C GLN F 147 -24.53 -6.40 25.65
N GLU F 148 -24.83 -7.42 24.83
CA GLU F 148 -23.95 -7.81 23.76
C GLU F 148 -23.77 -6.65 22.79
N GLY F 149 -24.87 -5.98 22.48
CA GLY F 149 -24.82 -4.84 21.60
C GLY F 149 -23.91 -3.78 22.16
N GLN F 150 -24.17 -3.36 23.40
CA GLN F 150 -23.35 -2.35 24.06
C GLN F 150 -21.88 -2.75 24.08
N SER F 151 -21.62 -4.02 24.36
CA SER F 151 -20.25 -4.52 24.42
C SER F 151 -19.49 -4.27 23.12
N VAL F 152 -20.01 -4.78 22.00
CA VAL F 152 -19.32 -4.58 20.72
C VAL F 152 -19.24 -3.11 20.36
N ALA F 153 -20.23 -2.32 20.77
CA ALA F 153 -20.23 -0.88 20.50
C ALA F 153 -19.01 -0.30 21.19
N ASP F 154 -18.80 -0.69 22.44
CA ASP F 154 -17.66 -0.21 23.20
C ASP F 154 -16.36 -0.72 22.58
N GLN F 155 -16.35 -1.99 22.22
CA GLN F 155 -15.16 -2.58 21.60
C GLN F 155 -14.73 -1.83 20.35
N ILE F 156 -15.70 -1.46 19.51
CA ILE F 156 -15.35 -0.75 18.27
C ILE F 156 -15.20 0.75 18.46
N GLY F 157 -15.34 1.22 19.70
CA GLY F 157 -15.20 2.63 19.98
C GLY F 157 -16.30 3.50 19.38
N ALA F 158 -17.49 2.95 19.28
CA ALA F 158 -18.61 3.71 18.73
C ALA F 158 -18.94 4.81 19.72
N THR F 159 -19.36 5.97 19.23
CA THR F 159 -19.71 7.06 20.14
C THR F 159 -21.18 6.95 20.54
N GLY F 160 -21.77 5.78 20.35
CA GLY F 160 -23.16 5.59 20.71
C GLY F 160 -23.74 4.28 20.23
N TYR F 161 -24.61 3.69 21.04
CA TYR F 161 -25.27 2.44 20.70
C TYR F 161 -26.77 2.60 20.84
N TYR F 162 -27.49 2.34 19.76
CA TYR F 162 -28.94 2.47 19.75
C TYR F 162 -29.64 1.28 19.14
N GLU F 163 -30.87 1.04 19.57
CA GLU F 163 -31.65 -0.05 19.03
C GLU F 163 -32.97 0.51 18.52
N CYS F 164 -33.49 -0.10 17.46
CA CYS F 164 -34.72 0.38 16.87
C CYS F 164 -35.42 -0.70 16.07
N SER F 165 -36.63 -0.37 15.62
CA SER F 165 -37.44 -1.25 14.82
C SER F 165 -38.15 -0.40 13.76
N ALA F 166 -37.70 -0.50 12.52
CA ALA F 166 -38.31 0.25 11.44
C ALA F 166 -39.75 -0.22 11.28
N LYS F 167 -39.99 -1.49 11.63
CA LYS F 167 -41.31 -2.06 11.51
C LYS F 167 -42.33 -1.35 12.39
N THR F 168 -41.97 -1.06 13.63
CA THR F 168 -42.88 -0.38 14.53
C THR F 168 -42.53 1.11 14.68
N GLY F 169 -41.33 1.50 14.24
CA GLY F 169 -40.90 2.88 14.32
C GLY F 169 -40.17 3.19 15.62
N TYR F 170 -40.20 2.24 16.55
CA TYR F 170 -39.55 2.43 17.84
C TYR F 170 -38.08 2.77 17.76
N GLY F 171 -37.68 3.79 18.50
CA GLY F 171 -36.29 4.21 18.54
C GLY F 171 -35.67 4.73 17.25
N VAL F 172 -36.46 4.83 16.20
CA VAL F 172 -35.94 5.31 14.92
C VAL F 172 -35.51 6.78 15.00
N ARG F 173 -36.35 7.60 15.64
CA ARG F 173 -36.06 9.03 15.78
C ARG F 173 -34.76 9.25 16.54
N GLU F 174 -34.62 8.57 17.68
CA GLU F 174 -33.44 8.67 18.54
C GLU F 174 -32.15 8.40 17.77
N VAL F 175 -32.20 7.39 16.91
CA VAL F 175 -31.03 7.01 16.12
C VAL F 175 -30.55 8.18 15.28
N PHE F 176 -31.47 8.87 14.62
CA PHE F 176 -31.07 9.98 13.80
C PHE F 176 -30.73 11.27 14.53
N GLU F 177 -31.30 11.44 15.73
CA GLU F 177 -30.99 12.63 16.50
C GLU F 177 -29.56 12.43 16.99
N ALA F 178 -29.26 11.21 17.41
CA ALA F 178 -27.93 10.87 17.89
C ALA F 178 -26.91 11.00 16.76
N ALA F 179 -27.27 10.49 15.57
CA ALA F 179 -26.40 10.55 14.41
C ALA F 179 -26.18 12.00 13.99
N THR F 180 -27.26 12.79 13.97
CA THR F 180 -27.16 14.19 13.60
C THR F 180 -26.32 14.93 14.63
N ARG F 181 -26.47 14.60 15.90
CA ARG F 181 -25.67 15.24 16.94
C ARG F 181 -24.20 14.90 16.75
N ALA F 182 -23.92 13.62 16.48
CA ALA F 182 -22.55 13.18 16.28
C ALA F 182 -21.94 13.85 15.05
N SER F 183 -22.77 14.08 14.03
CA SER F 183 -22.28 14.71 12.81
C SER F 183 -21.83 16.16 13.02
N LEU F 184 -22.29 16.77 14.10
CA LEU F 184 -21.93 18.16 14.39
C LEU F 184 -20.62 18.28 15.16
N MET F 185 -20.17 17.19 15.77
CA MET F 185 -18.91 17.17 16.51
C MET F 185 -17.80 16.93 15.50
N GLY F 186 -17.54 15.66 15.20
CA GLY F 186 -16.53 15.29 14.22
C GLY F 186 -15.09 15.67 14.52
N LYS F 187 -14.19 14.69 14.43
CA LYS F 187 -12.75 14.85 14.67
C LYS F 187 -12.13 13.53 15.13
#